data_4MRU
#
_entry.id   4MRU
#
_cell.length_a   51.146
_cell.length_b   74.673
_cell.length_c   78.057
_cell.angle_alpha   78.730
_cell.angle_beta   73.510
_cell.angle_gamma   78.620
#
_symmetry.space_group_name_H-M   'P 1'
#
loop_
_entity.id
_entity.type
_entity.pdbx_description
1 polymer 'SusD homolog'
2 non-polymer 'MAGNESIUM ION'
3 non-polymer 1,2-ETHANEDIOL
4 water water
#
_entity_poly.entity_id   1
_entity_poly.type   'polypeptide(L)'
_entity_poly.pdbx_seq_one_letter_code
;GDTD(MSE)NRNKYEVDSEEIGRENYDLGSTIRGLQGLVIPAQEHLYQF(MSE)EA(MSE)CGGSYAGYFGETRTGWLEK
YSTYNPKTDWLKAPFTDVISETYPKYYAVLQHEDAPVALALAKLLRVTI(MSE)QRVTDIYGPIPYSKVLVSGEGSESDG
LNAAYDSQKDVY(MSE)R(MSE)FQELEEADQALEDN(MSE)TEGNSGFEKLDDVYYGKLQQWRLFLHSLQLR(MSE)A
(MSE)RLCYTD(MSE)AAEAQSIAEKAVTAGVIEKNDDNALFHVAENRSALCFNDWKDYRVGADIICY(MSE)NGYADPR
RDKYFTKVKNNDQEGYYG(MSE)RIGINSPFSDDD(MSE)ITSYSNRL(MSE)TASDPYVW(MSE)TASEVAFLRAEGAL
RKWN(MSE)GGEAKDFYETGVKLSFEEHGASGAEDYLNSIASPSGYTDPLGSYSTGSPANITVKWNE(MSE)GEQAFEEN
LERIITQKWIALFPNGIESWSEHRRTGYPKLLPVVVNKGRNVSTEAG(MSE)RRL(MSE)YPNEEYTQNSFHLNNAINVL
IKESSNNQGGDTGGTHVWWDRKANK
;
_entity_poly.pdbx_strand_id   A,B
#
# COMPACT_ATOMS: atom_id res chain seq x y z
N ASN A 21 -6.24 -38.19 36.15
CA ASN A 21 -7.59 -38.81 36.07
C ASN A 21 -8.12 -38.73 34.63
N TYR A 22 -7.68 -39.68 33.79
CA TYR A 22 -8.18 -39.83 32.42
C TYR A 22 -9.69 -40.09 32.29
N ASP A 23 -10.32 -39.35 31.38
CA ASP A 23 -11.73 -39.50 31.08
C ASP A 23 -11.90 -39.32 29.57
N LEU A 24 -12.48 -40.32 28.89
CA LEU A 24 -12.51 -40.30 27.43
C LEU A 24 -13.33 -39.12 26.93
N GLY A 25 -14.46 -38.88 27.58
CA GLY A 25 -15.29 -37.73 27.26
C GLY A 25 -14.60 -36.39 27.35
N SER A 26 -13.90 -36.14 28.45
CA SER A 26 -13.17 -34.88 28.61
CA SER A 26 -13.16 -34.91 28.62
C SER A 26 -12.07 -34.74 27.56
N THR A 27 -11.48 -35.86 27.17
CA THR A 27 -10.40 -35.88 26.21
C THR A 27 -10.93 -35.54 24.80
N ILE A 28 -12.02 -36.18 24.43
CA ILE A 28 -12.69 -35.88 23.18
C ILE A 28 -13.15 -34.41 23.16
N ARG A 29 -13.77 -33.92 24.24
CA ARG A 29 -14.17 -32.49 24.28
C ARG A 29 -12.95 -31.55 24.17
N GLY A 30 -11.83 -31.95 24.78
CA GLY A 30 -10.61 -31.22 24.70
C GLY A 30 -10.15 -31.08 23.24
N LEU A 31 -10.15 -32.20 22.51
CA LEU A 31 -9.85 -32.19 21.10
C LEU A 31 -10.85 -31.37 20.28
N GLN A 32 -12.15 -31.51 20.56
CA GLN A 32 -13.17 -30.73 19.83
C GLN A 32 -12.95 -29.23 20.04
N GLY A 33 -12.42 -28.86 21.21
CA GLY A 33 -12.09 -27.48 21.51
C GLY A 33 -10.79 -26.96 20.95
N LEU A 34 -10.11 -27.76 20.15
CA LEU A 34 -8.87 -27.32 19.47
C LEU A 34 -9.06 -27.17 17.97
N VAL A 35 -10.26 -27.38 17.51
CA VAL A 35 -10.64 -27.18 16.10
C VAL A 35 -10.84 -25.69 15.94
N ILE A 36 -11.99 -25.17 16.37
CA ILE A 36 -12.10 -23.73 16.48
C ILE A 36 -11.82 -23.54 17.96
N PRO A 37 -10.71 -22.88 18.30
CA PRO A 37 -10.32 -22.90 19.73
C PRO A 37 -11.39 -22.36 20.69
N ALA A 38 -11.65 -23.17 21.69
CA ALA A 38 -12.63 -22.85 22.71
C ALA A 38 -12.04 -22.15 23.93
N GLN A 39 -10.70 -22.01 23.97
CA GLN A 39 -10.03 -21.19 24.95
C GLN A 39 -9.79 -19.81 24.37
N GLU A 40 -10.25 -18.77 25.07
CA GLU A 40 -10.18 -17.42 24.55
C GLU A 40 -8.74 -16.98 24.32
N HIS A 41 -7.83 -17.48 25.14
CA HIS A 41 -6.44 -17.04 25.00
C HIS A 41 -5.87 -17.46 23.63
N LEU A 42 -6.22 -18.65 23.17
CA LEU A 42 -5.82 -19.17 21.86
C LEU A 42 -6.67 -18.56 20.74
N TYR A 43 -7.97 -18.48 20.94
CA TYR A 43 -8.89 -17.87 19.99
C TYR A 43 -8.41 -16.46 19.52
N GLN A 44 -8.01 -15.60 20.47
CA GLN A 44 -7.72 -14.20 20.09
C GLN A 44 -6.64 -14.12 19.01
N PHE A 45 -5.65 -14.97 19.09
CA PHE A 45 -4.56 -14.98 18.13
C PHE A 45 -4.95 -15.68 16.84
N GLU A 47 -7.91 -17.01 15.64
CA GLU A 47 -9.16 -16.68 14.96
C GLU A 47 -9.44 -15.19 14.80
N ALA A 48 -9.30 -14.41 15.87
CA ALA A 48 -9.71 -13.02 15.83
C ALA A 48 -8.68 -12.17 15.06
N CYS A 50 -5.60 -13.45 13.46
CA CYS A 50 -5.07 -14.06 12.21
C CYS A 50 -6.17 -14.33 11.13
N GLY A 51 -7.08 -15.29 11.37
CA GLY A 51 -8.16 -15.58 10.45
C GLY A 51 -8.98 -14.33 10.18
N GLY A 52 -9.28 -13.58 11.24
CA GLY A 52 -10.12 -12.40 11.13
C GLY A 52 -9.56 -11.35 10.20
N SER A 53 -8.30 -11.01 10.38
CA SER A 53 -7.69 -9.99 9.55
C SER A 53 -7.49 -10.47 8.10
N TYR A 54 -7.07 -11.71 7.92
CA TYR A 54 -6.67 -12.13 6.59
C TYR A 54 -7.88 -12.58 5.73
N ALA A 55 -9.04 -12.79 6.36
CA ALA A 55 -10.26 -13.12 5.63
C ALA A 55 -11.09 -11.85 5.37
N GLY A 56 -10.65 -10.70 5.83
CA GLY A 56 -11.47 -9.49 5.68
C GLY A 56 -12.68 -9.46 6.57
N TYR A 57 -12.62 -10.17 7.71
CA TYR A 57 -13.78 -10.29 8.61
C TYR A 57 -13.73 -9.34 9.81
N PHE A 58 -12.54 -9.15 10.38
CA PHE A 58 -12.39 -8.38 11.62
C PHE A 58 -11.11 -7.59 11.61
N GLY A 59 -11.18 -6.46 12.30
CA GLY A 59 -10.00 -5.69 12.64
C GLY A 59 -9.95 -5.44 14.17
N GLU A 60 -8.77 -5.03 14.60
CA GLU A 60 -8.44 -4.87 15.99
C GLU A 60 -8.78 -3.43 16.39
N THR A 61 -9.40 -3.28 17.52
CA THR A 61 -9.80 -1.97 18.03
C THR A 61 -8.76 -1.26 18.83
N ARG A 62 -7.70 -1.98 19.20
CA ARG A 62 -6.73 -1.42 20.14
C ARG A 62 -5.64 -0.64 19.41
N THR A 63 -5.74 0.70 19.49
CA THR A 63 -4.90 1.63 18.69
C THR A 63 -3.47 1.66 19.20
N GLY A 64 -3.27 1.20 20.42
CA GLY A 64 -1.92 1.08 20.95
C GLY A 64 -1.13 -0.09 20.39
N TRP A 65 -1.78 -1.02 19.72
CA TRP A 65 -1.06 -2.17 19.15
C TRP A 65 -0.38 -1.77 17.84
N LEU A 66 0.94 -1.83 17.82
CA LEU A 66 1.73 -1.47 16.62
C LEU A 66 2.42 -2.64 15.91
N GLU A 67 2.41 -3.82 16.54
CA GLU A 67 2.88 -5.07 15.93
C GLU A 67 1.72 -6.04 15.86
N LYS A 68 0.99 -5.96 14.73
CA LYS A 68 -0.28 -6.62 14.56
C LYS A 68 -0.29 -7.59 13.39
N TYR A 69 -1.11 -8.62 13.52
CA TYR A 69 -1.36 -9.51 12.42
C TYR A 69 -1.88 -8.70 11.23
N SER A 70 -2.80 -7.76 11.46
CA SER A 70 -3.47 -7.05 10.33
C SER A 70 -2.51 -6.17 9.49
N THR A 71 -1.42 -5.75 10.10
CA THR A 71 -0.39 -4.95 9.39
C THR A 71 0.85 -5.78 9.00
N TYR A 72 0.72 -7.08 9.13
CA TYR A 72 1.69 -8.09 8.67
C TYR A 72 2.95 -8.16 9.53
N ASN A 73 2.89 -7.60 10.74
CA ASN A 73 4.06 -7.59 11.63
C ASN A 73 3.66 -7.99 13.03
N PRO A 74 2.98 -9.13 13.15
CA PRO A 74 2.58 -9.53 14.49
C PRO A 74 3.80 -9.62 15.42
N LYS A 75 3.63 -9.13 16.64
CA LYS A 75 4.64 -9.26 17.65
C LYS A 75 5.10 -10.72 17.74
N THR A 76 6.39 -10.92 17.85
CA THR A 76 7.01 -12.25 17.73
C THR A 76 6.34 -13.29 18.64
N ASP A 77 6.14 -12.97 19.92
CA ASP A 77 5.57 -13.98 20.82
C ASP A 77 4.05 -14.17 20.61
N TRP A 78 3.41 -13.31 19.82
CA TRP A 78 2.04 -13.54 19.40
C TRP A 78 1.94 -14.60 18.31
N LEU A 79 3.08 -15.05 17.79
CA LEU A 79 3.10 -16.14 16.81
C LEU A 79 3.08 -17.55 17.43
N LYS A 80 3.22 -17.63 18.73
CA LYS A 80 3.27 -18.89 19.43
C LYS A 80 2.00 -19.70 19.36
N ALA A 81 0.85 -19.07 19.56
CA ALA A 81 -0.38 -19.84 19.87
C ALA A 81 -0.91 -20.70 18.71
N PRO A 82 -0.97 -20.17 17.47
CA PRO A 82 -1.52 -21.03 16.41
C PRO A 82 -0.68 -22.28 15.99
N PHE A 83 0.56 -22.35 16.44
CA PHE A 83 1.49 -23.45 16.10
C PHE A 83 1.80 -24.22 17.36
N THR A 84 2.51 -23.57 18.26
CA THR A 84 3.02 -24.25 19.44
C THR A 84 1.89 -24.69 20.38
N ASP A 85 0.94 -23.82 20.69
CA ASP A 85 -0.18 -24.21 21.59
C ASP A 85 -1.12 -25.26 21.01
N VAL A 86 -1.49 -25.11 19.74
CA VAL A 86 -2.33 -26.12 19.10
C VAL A 86 -1.67 -27.49 19.15
N ILE A 87 -0.41 -27.57 18.73
CA ILE A 87 0.29 -28.83 18.70
C ILE A 87 0.53 -29.38 20.10
N SER A 88 1.00 -28.56 21.05
CA SER A 88 1.34 -29.08 22.37
CA SER A 88 1.33 -29.05 22.39
C SER A 88 0.09 -29.48 23.15
N GLU A 89 -1.05 -28.90 22.81
CA GLU A 89 -2.29 -29.31 23.49
C GLU A 89 -2.97 -30.49 22.84
N THR A 90 -2.77 -30.67 21.54
CA THR A 90 -3.42 -31.75 20.82
C THR A 90 -2.83 -33.10 21.21
N TYR A 91 -1.50 -33.21 21.20
CA TYR A 91 -0.91 -34.53 21.20
C TYR A 91 -1.02 -35.27 22.53
N PRO A 92 -0.95 -34.58 23.67
CA PRO A 92 -1.25 -35.35 24.91
C PRO A 92 -2.70 -35.93 24.95
N LYS A 93 -3.65 -35.23 24.35
CA LYS A 93 -5.04 -35.75 24.36
C LYS A 93 -5.16 -36.90 23.36
N TYR A 94 -4.59 -36.73 22.18
CA TYR A 94 -4.59 -37.76 21.14
C TYR A 94 -3.94 -39.03 21.66
N TYR A 95 -2.77 -38.92 22.29
CA TYR A 95 -2.08 -40.09 22.78
C TYR A 95 -2.74 -40.73 24.00
N ALA A 96 -3.50 -39.95 24.79
CA ALA A 96 -4.27 -40.51 25.90
C ALA A 96 -5.32 -41.48 25.37
N VAL A 97 -5.99 -41.10 24.29
CA VAL A 97 -6.97 -41.98 23.69
C VAL A 97 -6.32 -43.26 23.24
N LEU A 98 -5.19 -43.12 22.55
CA LEU A 98 -4.48 -44.28 22.01
C LEU A 98 -3.92 -45.18 23.09
N GLN A 99 -3.53 -44.66 24.22
CA GLN A 99 -2.98 -45.52 25.24
C GLN A 99 -4.08 -46.14 26.13
N HIS A 100 -5.29 -45.59 26.15
CA HIS A 100 -6.36 -46.14 27.00
C HIS A 100 -7.44 -46.93 26.29
N GLU A 101 -7.65 -46.69 25.00
CA GLU A 101 -8.79 -47.28 24.27
C GLU A 101 -8.31 -48.22 23.17
N ASP A 102 -8.93 -49.39 23.05
CA ASP A 102 -8.70 -50.21 21.84
C ASP A 102 -9.97 -50.33 20.96
N ALA A 103 -11.05 -49.64 21.34
CA ALA A 103 -12.27 -49.66 20.54
C ALA A 103 -12.04 -48.93 19.23
N PRO A 104 -12.30 -49.61 18.09
CA PRO A 104 -12.02 -48.95 16.80
C PRO A 104 -12.73 -47.59 16.66
N VAL A 105 -13.94 -47.43 17.18
CA VAL A 105 -14.65 -46.13 17.04
C VAL A 105 -13.96 -45.00 17.82
N ALA A 106 -13.51 -45.27 19.04
CA ALA A 106 -12.80 -44.26 19.80
C ALA A 106 -11.56 -43.82 19.04
N LEU A 107 -10.80 -44.79 18.54
CA LEU A 107 -9.54 -44.51 17.81
C LEU A 107 -9.84 -43.75 16.51
N ALA A 108 -10.95 -44.10 15.87
CA ALA A 108 -11.31 -43.44 14.62
C ALA A 108 -11.72 -42.01 14.86
N LEU A 109 -12.51 -41.77 15.89
CA LEU A 109 -12.87 -40.38 16.22
C LEU A 109 -11.64 -39.54 16.61
N ALA A 110 -10.72 -40.12 17.38
CA ALA A 110 -9.51 -39.40 17.73
C ALA A 110 -8.72 -39.03 16.48
N LYS A 111 -8.56 -39.99 15.59
CA LYS A 111 -7.88 -39.79 14.33
C LYS A 111 -8.53 -38.67 13.50
N LEU A 112 -9.85 -38.71 13.39
CA LEU A 112 -10.59 -37.74 12.61
C LEU A 112 -10.46 -36.35 13.21
N LEU A 113 -10.45 -36.25 14.55
CA LEU A 113 -10.32 -34.96 15.18
C LEU A 113 -8.91 -34.43 15.00
N ARG A 114 -7.90 -35.30 15.07
CA ARG A 114 -6.55 -34.83 14.83
C ARG A 114 -6.39 -34.26 13.41
N VAL A 115 -6.92 -34.95 12.42
CA VAL A 115 -6.87 -34.44 11.09
C VAL A 115 -7.58 -33.08 11.03
N THR A 116 -8.76 -32.99 11.62
CA THR A 116 -9.53 -31.77 11.55
C THR A 116 -8.75 -30.57 12.17
N ILE A 117 -8.12 -30.78 13.31
CA ILE A 117 -7.33 -29.75 13.97
C ILE A 117 -6.16 -29.33 13.09
N GLN A 119 -5.42 -29.97 9.83
CA GLN A 119 -5.64 -29.45 8.48
C GLN A 119 -5.48 -27.92 8.48
N ARG A 120 -6.00 -27.29 9.52
CA ARG A 120 -5.95 -25.84 9.64
C ARG A 120 -4.48 -25.40 9.85
N VAL A 121 -3.76 -26.12 10.69
CA VAL A 121 -2.40 -25.73 11.01
C VAL A 121 -1.47 -25.84 9.81
N THR A 122 -1.53 -26.94 9.04
CA THR A 122 -0.68 -27.00 7.87
C THR A 122 -1.11 -25.93 6.83
N ASP A 123 -2.39 -25.65 6.73
CA ASP A 123 -2.83 -24.60 5.80
C ASP A 123 -2.29 -23.22 6.15
N ILE A 124 -2.08 -22.97 7.44
CA ILE A 124 -1.49 -21.70 7.89
C ILE A 124 0.03 -21.62 7.61
N TYR A 125 0.76 -22.72 7.78
CA TYR A 125 2.26 -22.69 7.80
C TYR A 125 2.92 -23.35 6.64
N GLY A 126 2.27 -24.36 6.06
CA GLY A 126 2.93 -25.25 5.12
C GLY A 126 3.42 -26.49 5.83
N PRO A 127 4.74 -26.74 5.78
CA PRO A 127 5.30 -27.88 6.54
C PRO A 127 5.11 -27.71 8.01
N ILE A 128 4.69 -28.81 8.65
CA ILE A 128 4.46 -28.91 10.06
C ILE A 128 4.85 -30.29 10.55
N PRO A 129 5.20 -30.38 11.83
CA PRO A 129 5.30 -31.68 12.50
C PRO A 129 3.95 -32.36 12.48
N TYR A 130 3.90 -33.61 12.08
CA TYR A 130 2.69 -34.34 11.96
C TYR A 130 2.98 -35.85 12.12
N SER A 131 3.49 -36.53 11.10
CA SER A 131 3.70 -37.99 11.18
C SER A 131 4.78 -38.44 12.19
N LYS A 132 5.75 -37.58 12.49
CA LYS A 132 6.88 -37.98 13.35
C LYS A 132 6.78 -37.39 14.75
N VAL A 133 5.61 -36.90 15.12
CA VAL A 133 5.43 -36.43 16.48
C VAL A 133 5.37 -37.66 17.40
N LEU A 134 6.19 -37.68 18.45
CA LEU A 134 6.17 -38.80 19.43
C LEU A 134 6.43 -38.28 20.84
N ASN A 146 12.03 -30.16 19.84
CA ASN A 146 10.86 -30.98 19.56
C ASN A 146 10.96 -31.92 18.29
N ALA A 147 10.05 -31.86 17.29
CA ALA A 147 9.97 -32.91 16.25
C ALA A 147 10.24 -32.45 14.80
N ALA A 148 10.50 -33.42 13.94
CA ALA A 148 10.75 -33.19 12.53
C ALA A 148 9.47 -32.80 11.85
N TYR A 149 9.60 -31.99 10.81
CA TYR A 149 8.43 -31.51 10.06
C TYR A 149 8.16 -32.33 8.81
N ASP A 150 6.90 -32.57 8.47
CA ASP A 150 6.54 -33.14 7.18
C ASP A 150 6.29 -32.02 6.17
N SER A 151 6.55 -32.32 4.91
CA SER A 151 6.11 -31.44 3.84
C SER A 151 4.58 -31.30 3.86
N GLN A 152 4.06 -30.15 3.39
CA GLN A 152 2.61 -30.01 3.35
C GLN A 152 2.01 -31.11 2.47
N LYS A 153 2.67 -31.46 1.38
CA LYS A 153 2.15 -32.54 0.53
C LYS A 153 2.02 -33.84 1.32
N ASP A 154 3.05 -34.16 2.08
CA ASP A 154 3.04 -35.39 2.89
C ASP A 154 2.05 -35.30 4.03
N VAL A 155 1.84 -34.11 4.58
CA VAL A 155 0.78 -33.99 5.56
C VAL A 155 -0.59 -34.32 4.95
N TYR A 156 -0.95 -33.69 3.81
CA TYR A 156 -2.25 -33.93 3.17
C TYR A 156 -2.40 -35.40 2.79
N ARG A 158 -1.06 -38.06 4.09
CA ARG A 158 -1.21 -38.86 5.29
C ARG A 158 -2.58 -38.64 5.90
N PHE A 160 -5.31 -37.86 4.23
CA PHE A 160 -6.26 -38.56 3.42
C PHE A 160 -6.26 -40.05 3.77
N GLN A 161 -5.07 -40.63 3.99
CA GLN A 161 -4.97 -42.02 4.38
C GLN A 161 -5.64 -42.24 5.74
N GLU A 162 -5.41 -41.35 6.68
CA GLU A 162 -6.06 -41.46 8.00
C GLU A 162 -7.59 -41.27 7.96
N LEU A 163 -8.08 -40.35 7.15
CA LEU A 163 -9.51 -40.19 7.03
C LEU A 163 -10.16 -41.48 6.51
N GLU A 164 -9.52 -42.13 5.53
CA GLU A 164 -10.08 -43.41 5.02
C GLU A 164 -10.06 -44.47 6.06
N GLU A 165 -8.99 -44.54 6.82
CA GLU A 165 -8.91 -45.51 7.93
C GLU A 165 -10.00 -45.23 8.99
N ALA A 166 -10.23 -43.97 9.33
CA ALA A 166 -11.28 -43.63 10.29
C ALA A 166 -12.63 -43.98 9.73
N ASP A 167 -12.85 -43.65 8.46
CA ASP A 167 -14.13 -43.90 7.85
C ASP A 167 -14.48 -45.36 7.83
N GLN A 168 -13.51 -46.20 7.45
CA GLN A 168 -13.75 -47.65 7.46
C GLN A 168 -14.17 -48.14 8.85
N ALA A 169 -13.53 -47.62 9.89
CA ALA A 169 -13.79 -48.11 11.23
C ALA A 169 -15.18 -47.64 11.70
N LEU A 170 -15.57 -46.43 11.33
CA LEU A 170 -16.91 -45.95 11.62
C LEU A 170 -17.99 -46.76 10.88
N GLU A 171 -17.79 -46.94 9.57
CA GLU A 171 -18.72 -47.71 8.78
C GLU A 171 -18.85 -49.13 9.31
N ASP A 172 -17.73 -49.79 9.61
CA ASP A 172 -17.78 -51.18 10.06
C ASP A 172 -18.35 -51.38 11.46
N ASN A 173 -18.42 -50.32 12.27
CA ASN A 173 -18.91 -50.46 13.64
C ASN A 173 -20.18 -49.69 14.01
N THR A 175 -24.01 -48.47 14.29
CA THR A 175 -25.29 -49.09 14.42
C THR A 175 -26.37 -48.04 14.53
N GLU A 176 -27.58 -48.54 14.47
CA GLU A 176 -28.73 -47.81 14.93
C GLU A 176 -28.75 -47.81 16.48
N GLY A 177 -29.52 -46.90 17.03
CA GLY A 177 -29.52 -46.69 18.46
C GLY A 177 -28.24 -46.07 18.97
N ASN A 178 -27.98 -46.24 20.27
CA ASN A 178 -26.81 -45.64 20.90
C ASN A 178 -25.51 -46.25 20.44
N SER A 179 -24.50 -45.40 20.26
CA SER A 179 -23.13 -45.86 19.94
C SER A 179 -22.31 -46.03 21.20
N GLY A 180 -22.76 -45.44 22.29
CA GLY A 180 -21.92 -45.33 23.51
C GLY A 180 -21.22 -43.98 23.68
N PHE A 181 -21.22 -43.14 22.63
CA PHE A 181 -20.51 -41.87 22.64
C PHE A 181 -21.45 -40.70 22.87
N GLU A 182 -22.71 -41.01 23.19
CA GLU A 182 -23.73 -39.99 23.34
C GLU A 182 -23.34 -38.93 24.36
N LYS A 183 -22.66 -39.35 25.42
CA LYS A 183 -22.29 -38.45 26.51
C LYS A 183 -20.81 -38.02 26.44
N LEU A 184 -20.15 -38.34 25.33
CA LEU A 184 -18.72 -38.16 25.15
C LEU A 184 -18.37 -37.25 24.00
N ASP A 185 -19.34 -36.53 23.46
CA ASP A 185 -19.18 -35.92 22.14
C ASP A 185 -20.15 -34.76 22.03
N ASP A 186 -19.66 -33.54 21.99
CA ASP A 186 -20.59 -32.36 21.98
C ASP A 186 -20.77 -31.73 20.62
N VAL A 187 -20.47 -32.51 19.60
CA VAL A 187 -20.68 -32.11 18.20
C VAL A 187 -21.90 -32.87 17.70
N TYR A 188 -21.80 -34.20 17.69
CA TYR A 188 -22.91 -35.05 17.19
C TYR A 188 -23.52 -35.98 18.22
N TYR A 189 -23.15 -35.82 19.50
CA TYR A 189 -23.72 -36.60 20.58
C TYR A 189 -23.79 -38.08 20.22
N GLY A 190 -22.73 -38.56 19.65
CA GLY A 190 -22.55 -40.02 19.50
C GLY A 190 -23.09 -40.60 18.20
N LYS A 191 -23.60 -39.76 17.30
CA LYS A 191 -24.20 -40.25 16.07
C LYS A 191 -23.15 -40.46 15.00
N LEU A 192 -22.70 -41.71 14.87
CA LEU A 192 -21.59 -42.02 13.98
C LEU A 192 -21.93 -41.76 12.52
N GLN A 193 -23.20 -41.91 12.14
CA GLN A 193 -23.66 -41.59 10.79
C GLN A 193 -23.37 -40.16 10.42
N GLN A 194 -23.57 -39.25 11.37
CA GLN A 194 -23.29 -37.84 11.13
C GLN A 194 -21.79 -37.59 11.09
N TRP A 195 -21.01 -38.25 11.96
CA TRP A 195 -19.54 -38.18 11.85
C TRP A 195 -19.07 -38.58 10.45
N ARG A 196 -19.71 -39.58 9.82
CA ARG A 196 -19.27 -39.94 8.45
C ARG A 196 -19.57 -38.85 7.41
N LEU A 197 -20.75 -38.22 7.50
CA LEU A 197 -21.06 -37.11 6.63
C LEU A 197 -20.01 -36.02 6.77
N PHE A 198 -19.68 -35.72 8.02
CA PHE A 198 -18.68 -34.68 8.25
C PHE A 198 -17.33 -35.10 7.67
N LEU A 199 -16.93 -36.32 7.94
CA LEU A 199 -15.63 -36.81 7.41
C LEU A 199 -15.55 -36.68 5.90
N HIS A 200 -16.63 -37.09 5.22
CA HIS A 200 -16.68 -36.95 3.75
C HIS A 200 -16.65 -35.50 3.27
N SER A 201 -17.29 -34.62 4.02
CA SER A 201 -17.29 -33.21 3.72
C SER A 201 -15.85 -32.64 3.87
N LEU A 202 -15.13 -33.04 4.91
CA LEU A 202 -13.75 -32.62 5.09
C LEU A 202 -12.87 -33.14 3.98
N GLN A 203 -13.06 -34.40 3.56
CA GLN A 203 -12.33 -34.94 2.40
C GLN A 203 -12.60 -34.08 1.16
N LEU A 204 -13.83 -33.66 0.96
CA LEU A 204 -14.19 -32.80 -0.15
C LEU A 204 -13.47 -31.44 -0.09
N ARG A 205 -13.48 -30.83 1.10
CA ARG A 205 -12.81 -29.55 1.29
C ARG A 205 -11.31 -29.65 0.97
N ALA A 207 -9.73 -32.02 -0.72
CA ALA A 207 -9.53 -32.29 -2.15
C ALA A 207 -9.56 -31.00 -2.96
N ARG A 209 -8.90 -28.06 -2.15
CA ARG A 209 -7.74 -27.26 -1.77
C ARG A 209 -6.56 -27.55 -2.69
N LEU A 210 -6.48 -28.79 -3.20
CA LEU A 210 -5.32 -29.21 -3.98
C LEU A 210 -5.54 -29.16 -5.50
N CYS A 211 -6.55 -28.44 -5.95
CA CYS A 211 -6.92 -28.49 -7.37
C CYS A 211 -5.88 -27.78 -8.28
N TYR A 212 -4.97 -27.01 -7.73
CA TYR A 212 -3.92 -26.37 -8.53
C TYR A 212 -2.57 -27.07 -8.41
N THR A 213 -2.50 -28.26 -7.78
CA THR A 213 -1.24 -28.98 -7.59
C THR A 213 -1.14 -30.15 -8.55
N ASP A 214 -0.01 -30.86 -8.49
N ASP A 214 -0.01 -30.86 -8.48
CA ASP A 214 0.20 -32.07 -9.30
CA ASP A 214 0.20 -32.09 -9.27
C ASP A 214 -0.53 -33.29 -8.72
C ASP A 214 -0.55 -33.29 -8.69
N ALA A 216 -3.84 -33.02 -8.49
CA ALA A 216 -5.23 -32.67 -8.84
C ALA A 216 -6.08 -33.89 -9.29
N ALA A 217 -5.47 -34.83 -10.00
CA ALA A 217 -6.24 -35.99 -10.46
C ALA A 217 -6.67 -36.80 -9.26
N GLU A 218 -5.74 -37.02 -8.32
CA GLU A 218 -6.09 -37.76 -7.12
C GLU A 218 -7.13 -36.98 -6.32
N ALA A 219 -6.97 -35.68 -6.23
CA ALA A 219 -7.92 -34.84 -5.46
C ALA A 219 -9.32 -34.97 -6.04
N GLN A 220 -9.44 -34.89 -7.37
CA GLN A 220 -10.72 -35.06 -8.03
C GLN A 220 -11.40 -36.41 -7.65
N SER A 221 -10.61 -37.48 -7.64
CA SER A 221 -11.09 -38.83 -7.34
C SER A 221 -11.54 -38.89 -5.90
N ILE A 222 -10.75 -38.31 -5.00
CA ILE A 222 -11.12 -38.24 -3.57
C ILE A 222 -12.44 -37.49 -3.41
N ALA A 223 -12.57 -36.34 -4.08
CA ALA A 223 -13.81 -35.54 -3.98
C ALA A 223 -15.03 -36.28 -4.49
N GLU A 224 -14.89 -36.91 -5.65
CA GLU A 224 -15.96 -37.67 -6.22
C GLU A 224 -16.39 -38.83 -5.33
N LYS A 225 -15.44 -39.57 -4.79
CA LYS A 225 -15.78 -40.68 -3.90
C LYS A 225 -16.44 -40.20 -2.61
N ALA A 226 -15.97 -39.06 -2.12
CA ALA A 226 -16.52 -38.47 -0.89
C ALA A 226 -17.99 -38.07 -1.05
N VAL A 227 -18.31 -37.40 -2.16
CA VAL A 227 -19.68 -37.07 -2.46
C VAL A 227 -20.53 -38.31 -2.59
N THR A 228 -20.03 -39.33 -3.31
CA THR A 228 -20.77 -40.56 -3.42
C THR A 228 -21.02 -41.20 -2.06
N ALA A 229 -20.05 -41.12 -1.15
CA ALA A 229 -20.19 -41.75 0.17
C ALA A 229 -21.17 -41.01 1.07
N GLY A 230 -21.44 -39.74 0.76
CA GLY A 230 -22.45 -38.98 1.44
C GLY A 230 -21.81 -37.83 2.23
N VAL A 231 -22.18 -36.59 1.87
CA VAL A 231 -21.68 -35.39 2.54
C VAL A 231 -22.86 -34.69 3.22
N ILE A 232 -22.57 -33.66 4.02
CA ILE A 232 -23.58 -32.87 4.69
C ILE A 232 -24.40 -32.10 3.65
N GLU A 233 -25.71 -32.36 3.64
CA GLU A 233 -26.63 -31.75 2.66
C GLU A 233 -27.78 -30.98 3.30
N LYS A 234 -28.01 -31.21 4.58
CA LYS A 234 -29.08 -30.57 5.32
C LYS A 234 -28.48 -29.82 6.48
N ASN A 235 -29.04 -28.67 6.83
CA ASN A 235 -28.52 -27.92 7.94
C ASN A 235 -28.57 -28.68 9.29
N ASP A 236 -29.50 -29.61 9.45
CA ASP A 236 -29.57 -30.43 10.67
C ASP A 236 -28.33 -31.29 10.86
N ASP A 237 -27.58 -31.56 9.80
CA ASP A 237 -26.37 -32.35 9.91
C ASP A 237 -25.08 -31.50 10.02
N ASN A 238 -25.20 -30.17 10.12
CA ASN A 238 -24.03 -29.32 10.23
C ASN A 238 -23.23 -29.76 11.46
N ALA A 239 -21.90 -29.63 11.36
CA ALA A 239 -20.99 -29.95 12.44
C ALA A 239 -20.76 -28.69 13.28
N LEU A 240 -21.32 -28.69 14.49
CA LEU A 240 -21.20 -27.59 15.41
C LEU A 240 -20.65 -28.15 16.70
N PHE A 241 -19.70 -27.45 17.31
CA PHE A 241 -19.23 -27.79 18.66
C PHE A 241 -20.06 -26.97 19.62
N HIS A 242 -20.95 -27.65 20.33
CA HIS A 242 -21.82 -27.02 21.29
C HIS A 242 -21.13 -26.89 22.63
N VAL A 243 -21.33 -25.76 23.27
CA VAL A 243 -20.65 -25.50 24.50
C VAL A 243 -21.60 -24.79 25.47
N ALA A 244 -21.41 -25.03 26.77
CA ALA A 244 -22.18 -24.37 27.82
C ALA A 244 -21.81 -22.91 27.92
N GLU A 245 -20.55 -22.58 27.62
CA GLU A 245 -20.09 -21.20 27.58
C GLU A 245 -19.12 -21.00 26.44
N ASN A 246 -19.48 -20.12 25.51
CA ASN A 246 -18.63 -19.76 24.41
C ASN A 246 -17.74 -18.63 24.87
N ARG A 247 -16.47 -18.96 25.13
CA ARG A 247 -15.54 -18.01 25.69
C ARG A 247 -15.06 -17.04 24.61
N SER A 248 -15.17 -17.42 23.34
CA SER A 248 -14.77 -16.52 22.26
C SER A 248 -15.64 -15.25 22.26
N ALA A 249 -16.84 -15.33 22.84
CA ALA A 249 -17.68 -14.15 22.97
C ALA A 249 -17.00 -13.07 23.78
N LEU A 250 -16.13 -13.44 24.73
CA LEU A 250 -15.39 -12.44 25.50
C LEU A 250 -14.65 -11.47 24.57
N CYS A 251 -13.99 -12.00 23.55
CA CYS A 251 -13.12 -11.21 22.67
C CYS A 251 -13.86 -10.07 22.02
N PHE A 252 -15.14 -10.30 21.69
CA PHE A 252 -15.91 -9.38 20.90
C PHE A 252 -16.84 -8.55 21.76
N ASN A 253 -17.50 -9.19 22.71
CA ASN A 253 -18.56 -8.56 23.50
C ASN A 253 -18.04 -7.87 24.75
N ASP A 254 -17.02 -8.42 25.39
CA ASP A 254 -16.63 -7.99 26.75
C ASP A 254 -15.32 -7.29 26.72
N TRP A 255 -14.31 -7.94 26.15
CA TRP A 255 -13.02 -7.25 25.90
C TRP A 255 -13.14 -6.17 24.85
N LYS A 256 -14.00 -6.41 23.87
CA LYS A 256 -14.23 -5.48 22.77
C LYS A 256 -12.94 -5.14 21.99
N ASP A 257 -12.11 -6.16 21.75
CA ASP A 257 -10.84 -6.03 21.07
C ASP A 257 -10.97 -6.10 19.53
N TYR A 258 -12.12 -6.48 19.00
CA TYR A 258 -12.31 -6.64 17.57
C TYR A 258 -13.65 -6.08 17.12
N ARG A 259 -13.67 -5.53 15.90
CA ARG A 259 -14.92 -5.18 15.26
C ARG A 259 -14.87 -5.68 13.83
N VAL A 260 -16.00 -5.60 13.18
CA VAL A 260 -16.15 -6.12 11.86
C VAL A 260 -15.36 -5.29 10.84
N GLY A 261 -14.77 -6.01 9.89
CA GLY A 261 -13.95 -5.42 8.86
C GLY A 261 -14.71 -4.81 7.70
N ALA A 262 -14.03 -3.92 6.98
CA ALA A 262 -14.63 -3.18 5.90
C ALA A 262 -15.08 -4.11 4.77
N ASP A 263 -14.29 -5.14 4.50
CA ASP A 263 -14.53 -5.95 3.30
C ASP A 263 -15.87 -6.61 3.34
N ILE A 264 -16.14 -7.35 4.40
CA ILE A 264 -17.39 -8.10 4.46
C ILE A 264 -18.61 -7.15 4.47
N ILE A 265 -18.47 -5.97 5.08
CA ILE A 265 -19.51 -4.96 5.01
C ILE A 265 -19.72 -4.35 3.61
N CYS A 266 -18.64 -4.11 2.86
CA CYS A 266 -18.74 -3.60 1.50
C CYS A 266 -19.55 -4.53 0.61
N TYR A 267 -19.24 -5.83 0.66
CA TYR A 267 -19.98 -6.78 -0.11
C TYR A 267 -21.45 -6.86 0.37
N ASN A 269 -23.39 -4.95 2.40
CA ASN A 269 -24.18 -3.72 2.17
C ASN A 269 -24.47 -3.48 0.68
N GLY A 270 -23.48 -3.71 -0.18
CA GLY A 270 -23.69 -3.58 -1.63
C GLY A 270 -24.82 -4.50 -2.11
N TYR A 271 -24.83 -5.73 -1.60
CA TYR A 271 -25.84 -6.72 -1.98
C TYR A 271 -27.12 -6.58 -1.20
N ALA A 272 -27.19 -5.63 -0.25
CA ALA A 272 -28.35 -5.48 0.60
C ALA A 272 -28.76 -6.85 1.21
N ASP A 273 -27.78 -7.54 1.75
CA ASP A 273 -27.89 -8.95 2.10
C ASP A 273 -28.80 -9.08 3.33
N PRO A 274 -29.93 -9.82 3.21
CA PRO A 274 -30.77 -10.01 4.39
C PRO A 274 -30.09 -10.71 5.60
N ARG A 275 -28.92 -11.32 5.44
CA ARG A 275 -28.25 -11.96 6.58
C ARG A 275 -27.56 -10.99 7.54
N ARG A 276 -27.45 -9.73 7.14
CA ARG A 276 -26.70 -8.76 7.94
C ARG A 276 -27.21 -8.68 9.36
N ASP A 277 -28.53 -8.72 9.56
CA ASP A 277 -29.06 -8.55 10.92
C ASP A 277 -28.88 -9.81 11.77
N LYS A 278 -28.46 -10.90 11.14
CA LYS A 278 -28.08 -12.12 11.85
C LYS A 278 -26.57 -12.18 12.08
N TYR A 279 -25.80 -11.47 11.29
CA TYR A 279 -24.32 -11.49 11.41
C TYR A 279 -23.72 -10.42 12.33
N PHE A 280 -24.32 -9.22 12.29
CA PHE A 280 -23.72 -8.01 12.85
C PHE A 280 -24.68 -7.21 13.69
N THR A 281 -24.12 -6.47 14.64
CA THR A 281 -24.84 -5.43 15.32
C THR A 281 -24.83 -4.14 14.46
N LYS A 282 -25.83 -3.31 14.69
CA LYS A 282 -25.93 -1.99 14.10
C LYS A 282 -25.26 -0.98 14.97
N VAL A 283 -24.67 0.05 14.34
CA VAL A 283 -24.16 1.20 15.00
C VAL A 283 -25.20 2.25 14.76
N LYS A 284 -25.65 2.91 15.82
CA LYS A 284 -26.80 3.79 15.78
C LYS A 284 -26.48 4.99 16.65
N ASN A 285 -26.21 6.13 16.03
CA ASN A 285 -25.89 7.38 16.76
C ASN A 285 -26.28 8.63 15.94
N ASN A 286 -25.70 9.80 16.26
CA ASN A 286 -26.03 11.04 15.53
C ASN A 286 -25.70 11.00 14.02
N ASP A 287 -24.57 10.42 13.68
CA ASP A 287 -24.06 10.42 12.30
C ASP A 287 -24.09 9.04 11.67
N GLN A 288 -24.69 8.08 12.37
CA GLN A 288 -24.67 6.68 11.96
C GLN A 288 -26.01 5.89 12.24
N GLU A 289 -26.48 5.13 11.27
CA GLU A 289 -27.53 4.13 11.55
C GLU A 289 -27.35 2.97 10.55
N GLY A 290 -26.80 1.83 10.98
CA GLY A 290 -26.62 0.73 10.05
C GLY A 290 -25.42 -0.11 10.36
N TYR A 291 -24.87 -0.74 9.30
CA TYR A 291 -23.75 -1.65 9.42
C TYR A 291 -22.49 -0.96 8.89
N TYR A 292 -21.46 -0.92 9.72
CA TYR A 292 -20.21 -0.21 9.42
C TYR A 292 -19.01 -1.10 9.73
N GLY A 293 -18.02 -1.04 8.85
CA GLY A 293 -16.83 -1.86 8.97
C GLY A 293 -15.60 -1.01 9.08
N ARG A 295 -11.54 -0.45 8.41
CA ARG A 295 -10.48 -0.81 7.47
C ARG A 295 -9.48 -1.71 8.16
N ILE A 296 -9.15 -2.82 7.53
CA ILE A 296 -8.14 -3.74 8.09
C ILE A 296 -6.74 -3.38 7.63
N GLY A 297 -5.81 -3.31 8.59
CA GLY A 297 -4.42 -2.93 8.32
C GLY A 297 -4.10 -1.44 8.37
N ILE A 298 -4.33 -0.86 9.53
CA ILE A 298 -4.21 0.53 9.76
C ILE A 298 -3.59 0.77 11.14
N ASN A 299 -3.14 2.00 11.40
CA ASN A 299 -2.79 2.49 12.72
C ASN A 299 -3.65 3.71 12.97
N SER A 300 -4.86 3.54 13.51
CA SER A 300 -5.78 4.64 13.65
C SER A 300 -5.22 5.72 14.58
N PRO A 301 -5.46 7.01 14.26
CA PRO A 301 -5.12 8.11 15.20
C PRO A 301 -6.20 8.36 16.21
N PHE A 302 -7.31 7.65 16.15
CA PHE A 302 -8.40 7.85 17.10
C PHE A 302 -8.27 6.99 18.36
N SER A 303 -9.25 7.10 19.27
CA SER A 303 -9.24 6.38 20.54
C SER A 303 -9.77 4.97 20.36
N ASP A 304 -9.42 4.09 21.28
CA ASP A 304 -10.04 2.75 21.31
C ASP A 304 -11.58 2.84 21.39
N ASP A 305 -12.11 3.78 22.16
CA ASP A 305 -13.55 3.91 22.31
CA ASP A 305 -13.55 3.89 22.31
C ASP A 305 -14.20 4.27 20.97
N ASP A 306 -13.53 5.13 20.20
CA ASP A 306 -13.97 5.47 18.82
C ASP A 306 -14.08 4.21 17.92
N ILE A 308 -14.32 1.07 18.95
CA ILE A 308 -15.28 0.14 19.52
C ILE A 308 -16.71 0.56 19.21
N THR A 309 -16.99 1.86 19.26
CA THR A 309 -18.38 2.36 19.12
C THR A 309 -18.76 2.75 17.69
N SER A 310 -17.81 2.97 16.81
CA SER A 310 -18.14 3.49 15.47
C SER A 310 -18.33 2.40 14.41
N TYR A 311 -18.00 1.16 14.76
CA TYR A 311 -18.06 0.04 13.84
C TYR A 311 -18.91 -1.09 14.42
N SER A 312 -19.58 -1.81 13.54
CA SER A 312 -20.37 -2.97 13.90
C SER A 312 -19.52 -4.02 14.61
N ASN A 313 -20.14 -4.74 15.53
CA ASN A 313 -19.63 -5.98 16.09
C ASN A 313 -20.23 -7.17 15.39
N ARG A 314 -19.65 -8.34 15.52
CA ARG A 314 -20.41 -9.51 15.23
C ARG A 314 -21.53 -9.66 16.26
N LEU A 315 -22.60 -10.34 15.86
CA LEU A 315 -23.76 -10.64 16.71
C LEU A 315 -23.58 -12.04 17.26
N THR A 317 -23.61 -14.54 21.23
CA THR A 317 -23.87 -14.66 22.67
C THR A 317 -22.93 -15.70 23.22
N ALA A 318 -22.82 -15.70 24.55
CA ALA A 318 -22.01 -16.67 25.27
C ALA A 318 -22.54 -18.09 25.27
N SER A 319 -23.71 -18.36 24.64
CA SER A 319 -24.22 -19.71 24.44
CA SER A 319 -24.19 -19.73 24.48
C SER A 319 -24.08 -20.25 23.02
N ASP A 320 -23.54 -19.45 22.10
CA ASP A 320 -23.47 -19.86 20.72
C ASP A 320 -22.49 -21.02 20.52
N PRO A 321 -22.77 -21.93 19.55
CA PRO A 321 -21.84 -23.01 19.21
C PRO A 321 -20.73 -22.49 18.31
N TYR A 322 -19.65 -23.27 18.18
CA TYR A 322 -18.65 -23.01 17.19
C TYR A 322 -18.98 -23.80 15.92
N VAL A 323 -19.02 -23.15 14.77
CA VAL A 323 -19.51 -23.79 13.54
C VAL A 323 -18.34 -24.31 12.75
N TRP A 324 -18.24 -25.64 12.64
CA TRP A 324 -17.14 -26.24 11.89
C TRP A 324 -17.39 -26.37 10.37
N THR A 326 -20.71 -26.60 7.36
CA THR A 326 -22.12 -26.52 7.08
C THR A 326 -22.50 -27.04 5.68
N ALA A 327 -23.76 -27.37 5.56
CA ALA A 327 -24.35 -27.73 4.27
C ALA A 327 -24.11 -26.68 3.21
N SER A 328 -24.18 -25.40 3.56
CA SER A 328 -23.89 -24.34 2.57
CA SER A 328 -23.92 -24.35 2.55
C SER A 328 -22.47 -24.46 2.02
N GLU A 329 -21.51 -24.66 2.91
CA GLU A 329 -20.10 -24.77 2.46
C GLU A 329 -19.92 -25.95 1.52
N VAL A 330 -20.54 -27.08 1.86
CA VAL A 330 -20.46 -28.29 1.04
C VAL A 330 -21.10 -28.07 -0.34
N ALA A 331 -22.23 -27.35 -0.38
CA ALA A 331 -22.85 -27.01 -1.64
C ALA A 331 -21.93 -26.13 -2.51
N PHE A 332 -21.24 -25.15 -1.91
CA PHE A 332 -20.32 -24.30 -2.68
C PHE A 332 -19.11 -25.06 -3.16
N LEU A 333 -18.66 -26.03 -2.38
CA LEU A 333 -17.58 -26.91 -2.83
C LEU A 333 -18.04 -27.74 -4.04
N ARG A 334 -19.21 -28.30 -3.95
CA ARG A 334 -19.77 -29.05 -5.07
C ARG A 334 -19.98 -28.14 -6.28
N ALA A 335 -20.39 -26.88 -6.07
CA ALA A 335 -20.56 -25.98 -7.19
C ALA A 335 -19.25 -25.77 -7.94
N GLU A 336 -18.19 -25.47 -7.20
CA GLU A 336 -16.83 -25.34 -7.81
C GLU A 336 -16.39 -26.60 -8.52
N GLY A 337 -16.58 -27.75 -7.83
CA GLY A 337 -16.23 -29.03 -8.44
C GLY A 337 -16.93 -29.19 -9.78
N ALA A 338 -18.23 -28.89 -9.80
CA ALA A 338 -19.03 -29.07 -10.98
C ALA A 338 -18.55 -28.11 -12.12
N LEU A 339 -18.24 -26.88 -11.75
CA LEU A 339 -17.71 -25.92 -12.68
C LEU A 339 -16.41 -26.42 -13.28
N ARG A 340 -15.64 -27.19 -12.51
CA ARG A 340 -14.38 -27.76 -12.96
C ARG A 340 -14.56 -29.09 -13.71
N LYS A 341 -15.81 -29.49 -13.91
CA LYS A 341 -16.16 -30.73 -14.60
CA LYS A 341 -16.17 -30.73 -14.59
C LYS A 341 -15.85 -31.96 -13.74
N TRP A 342 -15.73 -31.80 -12.43
CA TRP A 342 -15.65 -32.96 -11.56
C TRP A 342 -17.07 -33.50 -11.38
N ASN A 343 -17.19 -34.79 -11.12
CA ASN A 343 -18.54 -35.38 -10.98
C ASN A 343 -19.06 -35.19 -9.55
N GLY A 345 -22.37 -34.66 -8.81
CA GLY A 345 -23.76 -35.07 -8.73
C GLY A 345 -24.82 -34.00 -9.07
N GLY A 346 -24.47 -33.03 -9.91
CA GLY A 346 -25.44 -31.98 -10.24
C GLY A 346 -24.78 -30.83 -10.94
N GLU A 347 -25.56 -29.84 -11.34
CA GLU A 347 -25.06 -28.67 -12.04
C GLU A 347 -24.47 -27.59 -11.12
N ALA A 348 -23.38 -26.95 -11.59
CA ALA A 348 -22.72 -25.88 -10.86
C ALA A 348 -23.68 -24.78 -10.40
N LYS A 349 -24.55 -24.28 -11.29
CA LYS A 349 -25.51 -23.23 -10.89
C LYS A 349 -26.46 -23.70 -9.77
N ASP A 350 -26.95 -24.94 -9.88
CA ASP A 350 -27.86 -25.47 -8.88
C ASP A 350 -27.19 -25.60 -7.50
N PHE A 351 -25.96 -26.09 -7.47
CA PHE A 351 -25.22 -26.15 -6.19
C PHE A 351 -24.97 -24.77 -5.63
N TYR A 352 -24.63 -23.82 -6.49
CA TYR A 352 -24.41 -22.46 -6.08
C TYR A 352 -25.67 -21.90 -5.44
N GLU A 353 -26.78 -22.05 -6.13
CA GLU A 353 -28.04 -21.49 -5.62
C GLU A 353 -28.47 -22.18 -4.34
N THR A 354 -28.28 -23.50 -4.30
CA THR A 354 -28.56 -24.28 -3.11
C THR A 354 -27.67 -23.85 -1.92
N GLY A 355 -26.41 -23.53 -2.17
CA GLY A 355 -25.53 -23.06 -1.12
C GLY A 355 -26.02 -21.77 -0.51
N VAL A 356 -26.46 -20.84 -1.36
CA VAL A 356 -26.95 -19.57 -0.87
C VAL A 356 -28.24 -19.82 -0.04
N LYS A 357 -29.14 -20.59 -0.59
CA LYS A 357 -30.41 -20.93 0.10
C LYS A 357 -30.20 -21.58 1.47
N LEU A 358 -29.30 -22.53 1.52
CA LEU A 358 -28.93 -23.19 2.75
C LEU A 358 -28.35 -22.23 3.77
N SER A 359 -27.49 -21.31 3.33
CA SER A 359 -26.95 -20.32 4.28
C SER A 359 -28.07 -19.42 4.82
N PHE A 360 -28.93 -18.91 3.96
CA PHE A 360 -30.09 -18.14 4.47
C PHE A 360 -30.92 -18.94 5.47
N GLU A 361 -31.20 -20.18 5.12
CA GLU A 361 -31.99 -21.03 5.98
C GLU A 361 -31.26 -21.21 7.34
N GLU A 362 -29.93 -21.41 7.32
CA GLU A 362 -29.12 -21.62 8.55
C GLU A 362 -29.31 -20.47 9.51
N HIS A 363 -29.42 -19.27 8.99
CA HIS A 363 -29.53 -18.06 9.81
C HIS A 363 -30.97 -17.55 9.98
N GLY A 364 -31.94 -18.27 9.47
CA GLY A 364 -33.33 -17.81 9.54
C GLY A 364 -33.65 -16.59 8.66
N ALA A 365 -32.87 -16.37 7.62
CA ALA A 365 -33.04 -15.22 6.75
C ALA A 365 -33.96 -15.54 5.56
N SER A 366 -34.76 -14.55 5.18
CA SER A 366 -35.73 -14.62 4.09
C SER A 366 -35.20 -13.93 2.88
N GLY A 367 -35.75 -14.27 1.74
CA GLY A 367 -35.45 -13.57 0.53
C GLY A 367 -34.38 -14.19 -0.37
N ALA A 368 -33.99 -15.45 -0.15
CA ALA A 368 -32.86 -15.97 -0.92
C ALA A 368 -33.12 -15.94 -2.43
N GLU A 369 -34.33 -16.27 -2.84
CA GLU A 369 -34.62 -16.43 -4.26
C GLU A 369 -34.46 -15.09 -4.98
N ASP A 370 -34.99 -13.99 -4.44
CA ASP A 370 -34.75 -12.67 -5.04
C ASP A 370 -33.25 -12.24 -4.99
N TYR A 371 -32.59 -12.49 -3.88
CA TYR A 371 -31.16 -12.19 -3.70
C TYR A 371 -30.31 -12.87 -4.79
N LEU A 372 -30.69 -14.07 -5.14
CA LEU A 372 -29.97 -14.84 -6.17
C LEU A 372 -30.05 -14.23 -7.58
N ASN A 373 -30.96 -13.29 -7.80
CA ASN A 373 -30.99 -12.57 -9.05
C ASN A 373 -30.43 -11.18 -8.98
N SER A 374 -29.74 -10.86 -7.88
CA SER A 374 -29.23 -9.53 -7.68
C SER A 374 -28.10 -9.24 -8.65
N ILE A 375 -28.09 -8.01 -9.19
CA ILE A 375 -26.99 -7.53 -10.03
C ILE A 375 -26.32 -6.32 -9.40
N ALA A 376 -26.53 -6.14 -8.09
CA ALA A 376 -25.85 -5.07 -7.35
C ALA A 376 -24.39 -5.39 -7.12
N SER A 377 -23.55 -4.38 -7.16
CA SER A 377 -22.13 -4.53 -6.94
C SER A 377 -21.78 -4.36 -5.47
N PRO A 378 -20.66 -4.94 -5.04
CA PRO A 378 -20.13 -4.61 -3.71
C PRO A 378 -19.92 -3.09 -3.60
N SER A 379 -20.16 -2.53 -2.43
CA SER A 379 -20.10 -1.09 -2.31
C SER A 379 -18.66 -0.59 -2.21
N GLY A 380 -18.47 0.68 -2.54
CA GLY A 380 -17.28 1.40 -2.14
C GLY A 380 -17.21 1.47 -0.60
N TYR A 381 -16.02 1.64 -0.04
CA TYR A 381 -15.88 1.74 1.42
C TYR A 381 -15.92 3.17 1.92
N THR A 382 -16.97 3.55 2.65
CA THR A 382 -16.96 4.87 3.32
C THR A 382 -16.68 4.68 4.79
N ASP A 383 -15.52 5.13 5.25
CA ASP A 383 -15.17 5.10 6.66
C ASP A 383 -15.99 6.15 7.39
N PRO A 384 -16.87 5.73 8.32
CA PRO A 384 -17.64 6.76 9.03
C PRO A 384 -16.76 7.73 9.82
N LEU A 385 -15.52 7.37 10.14
CA LEU A 385 -14.59 8.34 10.78
C LEU A 385 -13.75 9.12 9.78
N GLY A 386 -13.91 8.83 8.50
CA GLY A 386 -13.32 9.64 7.44
C GLY A 386 -11.83 9.40 7.12
N SER A 387 -11.22 8.39 7.72
CA SER A 387 -9.78 8.19 7.59
C SER A 387 -9.34 7.25 6.47
N TYR A 388 -10.07 6.15 6.25
CA TYR A 388 -9.57 5.09 5.36
C TYR A 388 -10.55 4.70 4.23
N SER A 389 -11.36 5.67 3.81
CA SER A 389 -12.32 5.43 2.73
C SER A 389 -11.62 5.03 1.49
N THR A 390 -12.24 4.15 0.71
CA THR A 390 -11.59 3.71 -0.52
C THR A 390 -12.64 3.13 -1.49
N GLY A 391 -12.19 2.82 -2.70
CA GLY A 391 -13.07 2.23 -3.69
C GLY A 391 -13.48 0.81 -3.38
N SER A 392 -14.47 0.33 -4.12
CA SER A 392 -14.99 -0.96 -3.95
C SER A 392 -13.92 -2.04 -4.17
N PRO A 393 -13.99 -3.16 -3.44
CA PRO A 393 -13.03 -4.24 -3.63
C PRO A 393 -13.26 -5.10 -4.87
N ALA A 394 -14.49 -5.10 -5.41
CA ALA A 394 -14.85 -6.00 -6.52
C ALA A 394 -16.11 -5.54 -7.21
N ASN A 395 -16.37 -6.08 -8.38
CA ASN A 395 -17.65 -5.80 -9.03
C ASN A 395 -18.52 -7.04 -9.18
N ILE A 396 -18.09 -8.16 -8.63
CA ILE A 396 -18.82 -9.43 -8.71
C ILE A 396 -20.23 -9.32 -8.13
N THR A 397 -21.19 -9.81 -8.90
CA THR A 397 -22.59 -9.82 -8.48
C THR A 397 -23.00 -11.19 -8.05
N VAL A 398 -24.17 -11.27 -7.44
CA VAL A 398 -24.71 -12.57 -6.99
C VAL A 398 -25.26 -13.42 -8.13
N LYS A 399 -25.93 -12.78 -9.07
CA LYS A 399 -26.63 -13.52 -10.12
C LYS A 399 -25.66 -14.37 -10.98
N TRP A 400 -26.01 -15.65 -11.12
CA TRP A 400 -25.22 -16.61 -11.93
C TRP A 400 -25.02 -16.15 -13.38
N ASN A 401 -23.81 -16.33 -13.89
CA ASN A 401 -23.50 -15.98 -15.27
C ASN A 401 -23.78 -17.22 -16.08
N GLU A 402 -24.76 -17.16 -16.96
CA GLU A 402 -25.25 -18.35 -17.68
C GLU A 402 -24.29 -18.90 -18.72
N GLY A 404 -21.71 -20.08 -17.82
CA GLY A 404 -21.23 -21.25 -17.08
C GLY A 404 -19.71 -21.31 -17.14
N GLU A 405 -19.14 -22.45 -17.56
CA GLU A 405 -17.66 -22.56 -17.63
C GLU A 405 -17.04 -21.62 -18.67
N GLN A 406 -17.83 -21.07 -19.61
CA GLN A 406 -17.29 -20.02 -20.49
C GLN A 406 -17.14 -18.65 -19.79
N ALA A 407 -17.56 -18.56 -18.53
CA ALA A 407 -17.19 -17.46 -17.66
C ALA A 407 -16.62 -18.03 -16.39
N PHE A 408 -15.60 -18.87 -16.54
CA PHE A 408 -15.13 -19.71 -15.47
C PHE A 408 -14.72 -18.86 -14.27
N GLU A 409 -13.81 -17.90 -14.48
CA GLU A 409 -13.24 -17.21 -13.35
C GLU A 409 -14.29 -16.35 -12.68
N GLU A 410 -15.20 -15.77 -13.45
CA GLU A 410 -16.26 -14.97 -12.86
C GLU A 410 -17.22 -15.83 -12.00
N ASN A 411 -17.58 -17.01 -12.48
CA ASN A 411 -18.49 -17.83 -11.73
C ASN A 411 -17.77 -18.41 -10.50
N LEU A 412 -16.48 -18.69 -10.63
CA LEU A 412 -15.71 -19.15 -9.48
C LEU A 412 -15.67 -18.03 -8.41
N GLU A 413 -15.49 -16.81 -8.89
CA GLU A 413 -15.44 -15.66 -8.03
C GLU A 413 -16.75 -15.52 -7.20
N ARG A 414 -17.92 -15.68 -7.82
CA ARG A 414 -19.18 -15.60 -7.06
C ARG A 414 -19.36 -16.85 -6.15
N ILE A 415 -18.99 -18.05 -6.60
CA ILE A 415 -19.07 -19.22 -5.74
C ILE A 415 -18.26 -18.96 -4.45
N ILE A 416 -17.03 -18.49 -4.60
CA ILE A 416 -16.17 -18.34 -3.46
C ILE A 416 -16.59 -17.14 -2.62
N THR A 417 -17.04 -16.09 -3.29
CA THR A 417 -17.55 -14.90 -2.55
C THR A 417 -18.74 -15.28 -1.67
N GLN A 418 -19.69 -16.00 -2.26
CA GLN A 418 -20.86 -16.47 -1.47
C GLN A 418 -20.49 -17.46 -0.37
N LYS A 419 -19.54 -18.34 -0.66
CA LYS A 419 -19.02 -19.26 0.35
C LYS A 419 -18.41 -18.48 1.50
N TRP A 420 -17.66 -17.43 1.16
CA TRP A 420 -17.01 -16.54 2.18
C TRP A 420 -18.00 -15.82 3.08
N ILE A 421 -19.08 -15.29 2.50
CA ILE A 421 -20.16 -14.75 3.28
C ILE A 421 -20.79 -15.85 4.19
N ALA A 422 -21.08 -17.01 3.61
CA ALA A 422 -21.69 -18.11 4.36
C ALA A 422 -20.79 -18.74 5.45
N LEU A 423 -19.48 -18.60 5.28
CA LEU A 423 -18.51 -19.13 6.22
C LEU A 423 -18.30 -18.27 7.48
N PHE A 424 -18.72 -17.01 7.43
CA PHE A 424 -18.42 -16.09 8.52
C PHE A 424 -18.84 -16.75 9.82
N PRO A 425 -18.01 -16.72 10.88
CA PRO A 425 -16.70 -16.07 11.11
C PRO A 425 -15.48 -17.02 11.05
N ASN A 426 -15.54 -18.04 10.18
CA ASN A 426 -14.47 -19.05 10.01
C ASN A 426 -13.32 -18.46 9.11
N GLY A 427 -12.50 -17.60 9.71
CA GLY A 427 -11.51 -16.82 8.96
C GLY A 427 -10.39 -17.67 8.43
N ILE A 428 -10.02 -18.73 9.14
CA ILE A 428 -8.89 -19.54 8.68
C ILE A 428 -9.30 -20.21 7.37
N GLU A 429 -10.50 -20.77 7.31
CA GLU A 429 -10.93 -21.40 6.06
C GLU A 429 -11.08 -20.40 4.92
N SER A 430 -11.67 -19.22 5.20
CA SER A 430 -11.84 -18.17 4.20
C SER A 430 -10.50 -17.61 3.74
N TRP A 431 -9.55 -17.53 4.66
CA TRP A 431 -8.21 -17.10 4.28
C TRP A 431 -7.57 -18.10 3.31
N SER A 432 -7.70 -19.39 3.61
CA SER A 432 -7.11 -20.41 2.77
C SER A 432 -7.74 -20.35 1.41
N GLU A 433 -9.07 -20.19 1.37
CA GLU A 433 -9.73 -20.16 0.08
C GLU A 433 -9.39 -18.90 -0.73
N HIS A 434 -9.16 -17.80 -0.04
CA HIS A 434 -8.74 -16.55 -0.64
C HIS A 434 -7.34 -16.69 -1.22
N ARG A 435 -6.44 -17.29 -0.47
CA ARG A 435 -5.12 -17.61 -1.01
C ARG A 435 -5.17 -18.54 -2.26
N ARG A 436 -5.99 -19.56 -2.19
CA ARG A 436 -6.05 -20.56 -3.24
C ARG A 436 -6.59 -19.99 -4.54
N THR A 437 -7.71 -19.28 -4.42
CA THR A 437 -8.47 -18.89 -5.61
C THR A 437 -8.33 -17.45 -5.98
N GLY A 438 -7.92 -16.60 -5.04
CA GLY A 438 -7.83 -15.15 -5.28
C GLY A 438 -9.11 -14.42 -4.92
N TYR A 439 -10.10 -15.17 -4.46
CA TYR A 439 -11.40 -14.62 -4.14
C TYR A 439 -11.86 -14.90 -2.69
N PRO A 440 -12.75 -14.04 -2.17
CA PRO A 440 -13.11 -12.78 -2.78
C PRO A 440 -11.91 -11.82 -2.83
N LYS A 441 -11.96 -10.87 -3.73
CA LYS A 441 -11.03 -9.78 -3.73
C LYS A 441 -11.29 -8.93 -2.49
N LEU A 442 -10.20 -8.62 -1.78
CA LEU A 442 -10.25 -7.87 -0.55
C LEU A 442 -9.48 -6.54 -0.69
N LEU A 443 -9.76 -5.61 0.21
CA LEU A 443 -9.13 -4.33 0.24
C LEU A 443 -7.70 -4.47 0.73
N PRO A 444 -6.79 -3.74 0.10
CA PRO A 444 -5.38 -3.85 0.55
C PRO A 444 -5.20 -3.19 1.92
N VAL A 445 -4.22 -3.66 2.68
CA VAL A 445 -3.88 -2.99 3.92
C VAL A 445 -3.34 -1.58 3.58
N VAL A 446 -3.46 -0.67 4.54
CA VAL A 446 -2.85 0.64 4.42
C VAL A 446 -1.40 0.65 4.89
N VAL A 447 -1.19 0.14 6.09
CA VAL A 447 0.11 0.06 6.69
C VAL A 447 0.66 -1.36 6.53
N ASN A 448 1.59 -1.52 5.58
CA ASN A 448 2.21 -2.82 5.33
C ASN A 448 3.54 -2.83 5.97
N LYS A 449 3.58 -3.39 7.19
CA LYS A 449 4.82 -3.47 7.93
C LYS A 449 5.37 -4.87 7.87
N GLY A 450 4.95 -5.63 6.85
CA GLY A 450 5.46 -6.99 6.65
C GLY A 450 6.91 -7.09 6.15
N ARG A 451 7.52 -8.25 6.40
CA ARG A 451 8.84 -8.57 5.91
C ARG A 451 8.69 -9.54 4.75
N ASN A 452 9.01 -9.09 3.54
CA ASN A 452 8.78 -9.82 2.28
C ASN A 452 7.31 -10.18 2.02
N VAL A 453 6.38 -9.34 2.50
CA VAL A 453 4.96 -9.47 2.23
C VAL A 453 4.51 -8.32 1.35
N SER A 454 3.86 -8.65 0.24
CA SER A 454 3.43 -7.62 -0.71
C SER A 454 2.03 -7.13 -0.37
N THR A 455 1.80 -5.84 -0.57
CA THR A 455 0.44 -5.32 -0.35
C THR A 455 -0.58 -5.91 -1.35
N GLU A 456 -0.15 -6.14 -2.58
CA GLU A 456 -1.02 -6.59 -3.65
C GLU A 456 -1.45 -8.07 -3.45
N ALA A 457 -0.61 -8.90 -2.83
CA ALA A 457 -0.93 -10.33 -2.63
C ALA A 457 -1.33 -10.70 -1.20
N GLY A 458 -0.98 -9.88 -0.23
CA GLY A 458 -1.32 -10.16 1.16
C GLY A 458 -0.52 -11.26 1.82
N ARG A 460 0.48 -14.80 2.80
CA ARG A 460 0.40 -16.09 2.12
C ARG A 460 0.52 -17.28 3.08
N ARG A 461 1.05 -17.00 4.28
CA ARG A 461 1.18 -17.94 5.35
C ARG A 461 1.62 -17.17 6.59
N LEU A 462 1.64 -17.86 7.74
CA LEU A 462 2.25 -17.34 8.97
C LEU A 462 3.67 -17.88 9.13
N TYR A 464 6.95 -19.26 11.31
CA TYR A 464 7.14 -20.18 12.44
C TYR A 464 7.50 -19.41 13.69
N PRO A 465 7.10 -19.90 14.86
CA PRO A 465 7.34 -19.14 16.09
C PRO A 465 8.81 -19.17 16.48
N ASN A 466 9.23 -18.19 17.27
CA ASN A 466 10.62 -18.10 17.65
C ASN A 466 11.10 -19.29 18.50
N GLU A 467 10.19 -19.92 19.24
CA GLU A 467 10.48 -21.13 19.98
C GLU A 467 11.09 -22.21 19.07
N GLU A 468 10.56 -22.33 17.86
CA GLU A 468 11.09 -23.31 16.95
C GLU A 468 12.53 -22.99 16.59
N TYR A 469 12.83 -21.70 16.46
CA TYR A 469 14.19 -21.29 16.13
C TYR A 469 15.12 -21.59 17.28
N THR A 470 14.66 -21.38 18.50
CA THR A 470 15.57 -21.46 19.67
C THR A 470 15.69 -22.90 20.17
N GLN A 471 14.61 -23.65 20.15
CA GLN A 471 14.52 -24.95 20.78
C GLN A 471 14.51 -26.10 19.81
N ASN A 472 14.17 -25.85 18.55
CA ASN A 472 14.01 -26.94 17.58
C ASN A 472 14.72 -26.65 16.25
N SER A 473 15.94 -26.11 16.35
CA SER A 473 16.60 -25.46 15.23
C SER A 473 17.07 -26.42 14.12
N PHE A 474 17.49 -27.63 14.46
CA PHE A 474 17.79 -28.64 13.42
C PHE A 474 16.55 -28.96 12.54
N HIS A 475 15.48 -29.37 13.19
CA HIS A 475 14.22 -29.67 12.50
C HIS A 475 13.65 -28.42 11.80
N LEU A 476 13.68 -27.28 12.46
CA LEU A 476 13.16 -26.08 11.85
C LEU A 476 13.94 -25.72 10.56
N ASN A 477 15.26 -25.80 10.62
CA ASN A 477 16.10 -25.51 9.46
C ASN A 477 15.73 -26.38 8.23
N ASN A 478 15.57 -27.68 8.46
CA ASN A 478 15.09 -28.60 7.41
C ASN A 478 13.68 -28.24 6.95
N ALA A 479 12.81 -27.85 7.87
CA ALA A 479 11.45 -27.43 7.51
C ALA A 479 11.47 -26.26 6.53
N ILE A 480 12.34 -25.29 6.78
CA ILE A 480 12.34 -24.09 5.95
C ILE A 480 12.85 -24.44 4.57
N ASN A 481 13.81 -25.35 4.49
CA ASN A 481 14.27 -25.87 3.21
C ASN A 481 13.18 -26.60 2.42
N VAL A 482 12.34 -27.37 3.11
CA VAL A 482 11.20 -28.04 2.53
C VAL A 482 10.13 -27.04 2.08
N LEU A 483 9.85 -26.02 2.89
CA LEU A 483 8.95 -24.94 2.49
C LEU A 483 9.40 -24.27 1.20
N ILE A 484 10.70 -23.94 1.14
CA ILE A 484 11.29 -23.33 -0.08
C ILE A 484 11.16 -24.25 -1.31
N LYS A 485 11.49 -25.54 -1.17
CA LYS A 485 11.43 -26.47 -2.27
C LYS A 485 10.00 -26.74 -2.79
N GLU A 486 9.04 -26.83 -1.86
CA GLU A 486 7.63 -27.03 -2.18
C GLU A 486 6.91 -25.82 -2.77
N SER A 487 7.48 -24.63 -2.68
CA SER A 487 6.76 -23.39 -2.95
C SER A 487 6.82 -23.03 -4.42
N SER A 488 5.68 -22.60 -4.96
CA SER A 488 5.66 -22.02 -6.30
C SER A 488 6.19 -20.59 -6.29
N ASN A 489 6.36 -20.01 -5.09
CA ASN A 489 6.79 -18.63 -4.98
C ASN A 489 7.42 -18.36 -3.64
N ASN A 490 8.73 -18.56 -3.59
CA ASN A 490 9.52 -18.34 -2.39
C ASN A 490 9.84 -16.87 -2.27
N GLN A 491 9.56 -16.30 -1.12
CA GLN A 491 9.88 -14.90 -0.84
C GLN A 491 10.68 -14.81 0.45
N GLY A 492 11.91 -15.27 0.36
CA GLY A 492 12.87 -15.20 1.46
C GLY A 492 12.72 -16.30 2.49
N GLY A 493 12.06 -17.39 2.16
CA GLY A 493 12.03 -18.51 3.09
C GLY A 493 10.88 -18.37 4.08
N ASP A 494 11.19 -18.40 5.37
CA ASP A 494 10.15 -18.39 6.41
C ASP A 494 9.62 -16.96 6.60
N THR A 495 8.80 -16.54 5.64
CA THR A 495 8.14 -15.26 5.70
C THR A 495 6.67 -15.41 5.37
N GLY A 496 5.93 -14.36 5.62
CA GLY A 496 4.54 -14.29 5.23
C GLY A 496 4.31 -14.21 3.72
N GLY A 497 5.34 -13.93 2.93
CA GLY A 497 5.19 -13.87 1.48
C GLY A 497 5.32 -15.18 0.71
N THR A 498 5.93 -16.16 1.35
CA THR A 498 6.23 -17.42 0.71
C THR A 498 4.96 -18.24 0.60
N HIS A 499 4.70 -18.81 -0.59
CA HIS A 499 3.49 -19.60 -0.78
C HIS A 499 3.66 -20.99 -0.16
N VAL A 500 2.61 -21.47 0.46
CA VAL A 500 2.54 -22.90 0.83
C VAL A 500 2.33 -23.72 -0.44
N TRP A 501 2.54 -25.04 -0.32
CA TRP A 501 2.57 -25.93 -1.49
C TRP A 501 1.30 -25.88 -2.34
N TRP A 502 0.11 -25.85 -1.76
CA TRP A 502 -1.09 -25.87 -2.60
C TRP A 502 -1.40 -24.50 -3.27
N ASP A 503 -0.73 -23.42 -2.86
CA ASP A 503 -1.03 -22.07 -3.33
C ASP A 503 -0.26 -21.83 -4.62
N ARG A 504 -0.82 -22.34 -5.71
CA ARG A 504 -0.10 -22.39 -6.99
C ARG A 504 -0.87 -21.76 -8.13
N LYS A 505 -2.07 -21.24 -7.89
CA LYS A 505 -2.82 -20.62 -8.98
C LYS A 505 -1.98 -19.48 -9.66
N ALA A 506 -1.91 -19.47 -10.98
CA ALA A 506 -1.32 -18.32 -11.73
C ALA A 506 -2.25 -17.08 -11.83
N ASN A 507 -1.78 -15.90 -11.40
CA ASN A 507 -2.58 -14.65 -11.52
C ASN A 507 -2.00 -13.73 -12.59
N ASN B 21 25.03 45.11 10.66
CA ASN B 21 25.83 45.64 9.52
C ASN B 21 25.28 45.11 8.18
N TYR B 22 24.24 45.79 7.71
CA TYR B 22 23.65 45.54 6.37
C TYR B 22 24.64 45.63 5.19
N ASP B 23 24.54 44.67 4.27
CA ASP B 23 25.32 44.65 3.05
C ASP B 23 24.46 44.12 1.92
N LEU B 24 24.32 44.86 0.84
CA LEU B 24 23.39 44.49 -0.21
C LEU B 24 23.74 43.14 -0.82
N GLY B 25 25.01 42.97 -1.13
CA GLY B 25 25.48 41.70 -1.68
C GLY B 25 25.19 40.49 -0.82
N SER B 26 25.47 40.60 0.48
CA SER B 26 25.17 39.49 1.40
C SER B 26 23.68 39.21 1.50
N THR B 27 22.87 40.26 1.40
CA THR B 27 21.42 40.15 1.48
C THR B 27 20.88 39.47 0.23
N ILE B 28 21.35 39.89 -0.93
CA ILE B 28 21.00 39.20 -2.19
C ILE B 28 21.45 37.73 -2.18
N ARG B 29 22.67 37.45 -1.75
CA ARG B 29 23.12 36.04 -1.67
C ARG B 29 22.34 35.23 -0.68
N GLY B 30 21.95 35.87 0.43
CA GLY B 30 21.06 35.26 1.41
C GLY B 30 19.71 34.86 0.80
N LEU B 31 19.10 35.75 0.04
CA LEU B 31 17.87 35.43 -0.68
C LEU B 31 18.09 34.31 -1.72
N GLN B 32 19.19 34.39 -2.48
CA GLN B 32 19.48 33.36 -3.51
C GLN B 32 19.61 31.97 -2.85
N GLY B 33 20.10 31.94 -1.64
CA GLY B 33 20.23 30.72 -0.86
C GLY B 33 18.97 30.21 -0.16
N LEU B 34 17.85 30.88 -0.40
CA LEU B 34 16.55 30.45 0.10
C LEU B 34 15.64 29.93 -1.01
N VAL B 35 16.16 29.87 -2.22
CA VAL B 35 15.45 29.31 -3.35
C VAL B 35 15.62 27.81 -3.26
N ILE B 36 16.79 27.28 -3.64
CA ILE B 36 17.12 25.92 -3.27
C ILE B 36 17.99 26.11 -2.05
N PRO B 37 17.56 25.63 -0.90
CA PRO B 37 18.27 26.06 0.35
C PRO B 37 19.74 25.67 0.40
N ALA B 38 20.57 26.67 0.60
CA ALA B 38 21.98 26.52 0.68
C ALA B 38 22.50 26.24 2.08
N GLN B 39 21.60 26.26 3.07
CA GLN B 39 21.90 25.78 4.42
C GLN B 39 21.48 24.33 4.55
N GLU B 40 22.42 23.46 4.94
CA GLU B 40 22.15 22.03 4.95
C GLU B 40 21.01 21.70 5.93
N HIS B 41 20.86 22.49 7.00
CA HIS B 41 19.88 22.15 8.00
C HIS B 41 18.47 22.27 7.40
N LEU B 42 18.27 23.27 6.56
CA LEU B 42 17.00 23.46 5.87
C LEU B 42 16.88 22.50 4.67
N TYR B 43 17.97 22.36 3.91
CA TYR B 43 18.03 21.45 2.72
C TYR B 43 17.53 20.03 3.10
N GLN B 44 17.97 19.48 4.25
CA GLN B 44 17.67 18.07 4.57
C GLN B 44 16.15 17.85 4.63
N PHE B 45 15.41 18.81 5.17
CA PHE B 45 13.95 18.67 5.30
C PHE B 45 13.24 18.98 3.98
N GLU B 47 14.33 19.64 0.72
CA GLU B 47 14.78 19.04 -0.52
C GLU B 47 15.05 17.56 -0.46
N ALA B 48 15.76 17.10 0.57
CA ALA B 48 16.20 15.69 0.59
C ALA B 48 15.01 14.80 1.00
N CYS B 50 11.54 15.94 1.80
CA CYS B 50 10.25 16.26 1.22
C CYS B 50 10.24 16.13 -0.34
N GLY B 51 10.95 17.01 -1.04
CA GLY B 51 11.02 16.96 -2.49
C GLY B 51 11.56 15.64 -2.98
N GLY B 52 12.62 15.18 -2.33
CA GLY B 52 13.23 13.90 -2.68
C GLY B 52 12.31 12.71 -2.65
N SER B 53 11.57 12.57 -1.55
CA SER B 53 10.66 11.44 -1.41
C SER B 53 9.45 11.53 -2.34
N TYR B 54 8.86 12.71 -2.46
CA TYR B 54 7.63 12.82 -3.19
C TYR B 54 7.84 12.94 -4.71
N ALA B 55 9.08 13.13 -5.16
CA ALA B 55 9.40 13.15 -6.58
C ALA B 55 9.95 11.79 -7.06
N GLY B 56 10.09 10.83 -6.15
CA GLY B 56 10.70 9.55 -6.52
C GLY B 56 12.22 9.62 -6.75
N TYR B 57 12.88 10.59 -6.13
CA TYR B 57 14.30 10.82 -6.37
C TYR B 57 15.18 10.18 -5.30
N PHE B 58 14.78 10.29 -4.05
CA PHE B 58 15.60 9.90 -2.89
C PHE B 58 14.79 9.27 -1.81
N GLY B 59 15.43 8.35 -1.10
CA GLY B 59 14.92 7.77 0.11
C GLY B 59 15.97 7.96 1.21
N GLU B 60 15.49 7.82 2.43
CA GLU B 60 16.28 8.02 3.63
C GLU B 60 16.94 6.69 4.05
N THR B 61 18.21 6.77 4.40
CA THR B 61 18.99 5.58 4.76
C THR B 61 18.84 5.20 6.22
N ARG B 62 18.27 6.09 7.05
CA ARG B 62 18.35 5.91 8.49
C ARG B 62 17.15 5.09 8.97
N THR B 63 17.42 3.83 9.28
CA THR B 63 16.37 2.85 9.55
C THR B 63 15.68 3.08 10.87
N GLY B 64 16.35 3.82 11.75
CA GLY B 64 15.77 4.20 13.00
C GLY B 64 14.69 5.27 12.90
N TRP B 65 14.55 5.92 11.75
CA TRP B 65 13.56 7.00 11.61
C TRP B 65 12.21 6.37 11.30
N LEU B 66 11.24 6.57 12.20
CA LEU B 66 9.89 5.99 12.06
C LEU B 66 8.78 7.00 11.76
N GLU B 67 9.09 8.28 11.88
CA GLU B 67 8.20 9.38 11.52
C GLU B 67 8.89 10.19 10.40
N LYS B 68 8.61 9.76 9.15
CA LYS B 68 9.31 10.19 7.99
C LYS B 68 8.40 10.81 6.96
N TYR B 69 8.98 11.75 6.22
CA TYR B 69 8.27 12.30 5.08
C TYR B 69 7.89 11.19 4.10
N SER B 70 8.79 10.24 3.84
CA SER B 70 8.56 9.21 2.81
C SER B 70 7.39 8.25 3.14
N THR B 71 7.09 8.09 4.42
CA THR B 71 5.95 7.28 4.88
C THR B 71 4.73 8.11 5.28
N TYR B 72 4.78 9.39 4.94
CA TYR B 72 3.66 10.35 5.07
C TYR B 72 3.35 10.74 6.50
N ASN B 73 4.29 10.51 7.41
CA ASN B 73 4.09 10.85 8.82
C ASN B 73 5.29 11.59 9.41
N PRO B 74 5.77 12.65 8.74
CA PRO B 74 6.94 13.32 9.24
C PRO B 74 6.72 13.76 10.66
N LYS B 75 7.73 13.56 11.49
CA LYS B 75 7.68 14.04 12.84
C LYS B 75 7.28 15.52 12.88
N THR B 76 6.45 15.89 13.84
CA THR B 76 5.78 17.20 13.84
C THR B 76 6.76 18.32 13.74
N ASP B 77 7.79 18.31 14.56
CA ASP B 77 8.78 19.44 14.50
C ASP B 77 9.68 19.39 13.24
N TRP B 78 9.62 18.33 12.45
CA TRP B 78 10.29 18.32 11.15
C TRP B 78 9.53 19.07 10.08
N LEU B 79 8.30 19.48 10.40
CA LEU B 79 7.47 20.29 9.50
C LEU B 79 7.75 21.79 9.58
N LYS B 80 8.60 22.19 10.52
CA LYS B 80 8.92 23.60 10.73
C LYS B 80 9.68 24.24 9.58
N ALA B 81 10.68 23.55 9.03
CA ALA B 81 11.67 24.22 8.17
C ALA B 81 11.12 24.71 6.82
N PRO B 82 10.34 23.91 6.10
CA PRO B 82 9.90 24.38 4.79
C PRO B 82 8.89 25.55 4.80
N PHE B 83 8.35 25.88 5.96
CA PHE B 83 7.36 26.96 6.09
C PHE B 83 7.90 28.05 6.96
N THR B 84 8.13 27.72 8.22
CA THR B 84 8.55 28.73 9.20
C THR B 84 9.96 29.25 8.93
N ASP B 85 10.93 28.37 8.70
CA ASP B 85 12.30 28.86 8.43
C ASP B 85 12.45 29.63 7.10
N VAL B 86 11.82 29.14 6.04
CA VAL B 86 11.84 29.87 4.76
C VAL B 86 11.26 31.26 4.90
N ILE B 87 10.07 31.35 5.49
CA ILE B 87 9.41 32.64 5.68
C ILE B 87 10.20 33.55 6.65
N SER B 88 10.60 33.04 7.83
CA SER B 88 11.24 33.90 8.82
C SER B 88 12.63 34.35 8.37
N GLU B 89 13.27 33.58 7.51
CA GLU B 89 14.57 34.02 6.97
C GLU B 89 14.45 34.93 5.73
N THR B 90 13.37 34.81 4.97
CA THR B 90 13.20 35.61 3.75
C THR B 90 12.89 37.08 4.09
N TYR B 91 11.93 37.29 4.97
CA TYR B 91 11.38 38.64 5.11
C TYR B 91 12.37 39.64 5.72
N PRO B 92 13.23 39.23 6.66
CA PRO B 92 14.17 40.26 7.17
C PRO B 92 15.15 40.69 6.05
N LYS B 93 15.49 39.77 5.14
CA LYS B 93 16.38 40.14 4.03
C LYS B 93 15.66 41.01 3.01
N TYR B 94 14.45 40.62 2.66
CA TYR B 94 13.64 41.35 1.69
C TYR B 94 13.42 42.76 2.16
N TYR B 95 13.05 42.91 3.42
CA TYR B 95 12.76 44.25 3.96
C TYR B 95 14.04 45.09 4.15
N ALA B 96 15.19 44.44 4.31
CA ALA B 96 16.44 45.16 4.42
C ALA B 96 16.77 45.83 3.07
N VAL B 97 16.51 45.13 1.98
CA VAL B 97 16.70 45.76 0.67
C VAL B 97 15.79 46.98 0.53
N LEU B 98 14.52 46.81 0.88
CA LEU B 98 13.53 47.87 0.69
C LEU B 98 13.82 49.07 1.57
N GLN B 99 14.35 48.86 2.76
CA GLN B 99 14.55 50.02 3.61
C GLN B 99 15.89 50.72 3.28
N HIS B 100 16.81 50.05 2.61
CA HIS B 100 18.12 50.65 2.37
C HIS B 100 18.32 51.15 0.94
N GLU B 101 17.63 50.55 -0.02
CA GLU B 101 17.87 50.84 -1.45
C GLU B 101 16.69 51.53 -2.09
N ASP B 102 16.94 52.53 -2.92
CA ASP B 102 15.87 53.03 -3.78
C ASP B 102 16.15 52.78 -5.28
N ALA B 103 17.24 52.09 -5.61
CA ALA B 103 17.49 51.79 -7.00
C ALA B 103 16.43 50.80 -7.54
N PRO B 104 15.75 51.16 -8.63
CA PRO B 104 14.70 50.27 -9.11
C PRO B 104 15.19 48.84 -9.34
N VAL B 105 16.43 48.66 -9.81
CA VAL B 105 16.92 47.31 -10.12
C VAL B 105 17.13 46.48 -8.86
N ALA B 106 17.62 47.09 -7.80
CA ALA B 106 17.77 46.39 -6.52
C ALA B 106 16.41 45.91 -6.05
N LEU B 107 15.42 46.81 -6.09
CA LEU B 107 14.04 46.51 -5.68
C LEU B 107 13.41 45.45 -6.59
N ALA B 108 13.68 45.51 -7.87
CA ALA B 108 13.15 44.52 -8.79
C ALA B 108 13.77 43.15 -8.54
N LEU B 109 15.07 43.11 -8.32
CA LEU B 109 15.68 41.80 -8.07
C LEU B 109 15.18 41.20 -6.75
N ALA B 110 15.00 42.04 -5.74
CA ALA B 110 14.50 41.58 -4.46
C ALA B 110 13.10 41.00 -4.63
N LYS B 111 12.28 41.70 -5.38
CA LYS B 111 10.92 41.28 -5.68
C LYS B 111 10.91 39.94 -6.43
N LEU B 112 11.75 39.83 -7.44
CA LEU B 112 11.85 38.61 -8.24
C LEU B 112 12.31 37.43 -7.40
N LEU B 113 13.25 37.68 -6.50
CA LEU B 113 13.75 36.61 -5.66
C LEU B 113 12.65 36.19 -4.66
N ARG B 114 11.92 37.14 -4.10
CA ARG B 114 10.87 36.78 -3.19
C ARG B 114 9.80 35.89 -3.89
N VAL B 115 9.42 36.25 -5.11
CA VAL B 115 8.50 35.43 -5.85
C VAL B 115 9.09 34.03 -6.05
N THR B 116 10.35 33.96 -6.45
CA THR B 116 11.00 32.69 -6.75
C THR B 116 11.04 31.79 -5.50
N ILE B 117 11.36 32.36 -4.34
CA ILE B 117 11.34 31.60 -3.08
C ILE B 117 9.95 31.09 -2.75
N GLN B 119 7.08 30.97 -4.54
CA GLN B 119 6.32 30.11 -5.47
C GLN B 119 6.40 28.64 -5.00
N ARG B 120 7.56 28.25 -4.51
CA ARG B 120 7.76 26.89 -4.01
C ARG B 120 6.93 26.66 -2.73
N VAL B 121 6.94 27.63 -1.82
CA VAL B 121 6.28 27.49 -0.57
C VAL B 121 4.76 27.41 -0.77
N THR B 122 4.15 28.28 -1.60
CA THR B 122 2.69 28.13 -1.80
C THR B 122 2.38 26.81 -2.52
N ASP B 123 3.24 26.37 -3.43
CA ASP B 123 3.01 25.07 -4.09
C ASP B 123 3.00 23.90 -3.10
N ILE B 124 3.78 24.00 -2.04
CA ILE B 124 3.83 22.93 -1.02
C ILE B 124 2.59 22.93 -0.13
N TYR B 125 2.07 24.11 0.22
CA TYR B 125 1.08 24.25 1.29
C TYR B 125 -0.31 24.64 0.82
N GLY B 126 -0.38 25.39 -0.28
CA GLY B 126 -1.59 26.08 -0.62
C GLY B 126 -1.56 27.51 -0.06
N PRO B 127 -2.57 27.89 0.72
CA PRO B 127 -2.54 29.23 1.33
C PRO B 127 -1.33 29.45 2.21
N ILE B 128 -0.72 30.63 2.07
CA ILE B 128 0.43 31.06 2.85
C ILE B 128 0.35 32.54 3.10
N PRO B 129 0.94 33.00 4.20
CA PRO B 129 1.19 34.40 4.38
C PRO B 129 2.04 34.90 3.22
N TYR B 130 1.62 36.00 2.61
CA TYR B 130 2.34 36.57 1.49
C TYR B 130 2.08 38.10 1.46
N SER B 131 0.94 38.55 0.93
CA SER B 131 0.70 39.99 0.73
C SER B 131 0.58 40.78 2.04
N LYS B 132 0.17 40.13 3.13
CA LYS B 132 -0.02 40.84 4.39
C LYS B 132 1.10 40.63 5.41
N VAL B 133 2.26 40.14 4.98
CA VAL B 133 3.39 40.02 5.90
C VAL B 133 4.02 41.40 6.19
N ASN B 146 1.61 35.60 14.36
CA ASN B 146 2.17 36.23 13.16
C ASN B 146 1.13 36.78 12.10
N ALA B 147 1.14 36.38 10.83
CA ALA B 147 0.36 37.11 9.79
C ALA B 147 -0.81 36.34 9.12
N ALA B 148 -1.72 37.09 8.52
CA ALA B 148 -2.85 36.53 7.79
C ALA B 148 -2.35 35.86 6.52
N TYR B 149 -3.04 34.80 6.11
CA TYR B 149 -2.67 34.01 4.94
C TYR B 149 -3.45 34.46 3.70
N ASP B 150 -2.81 34.43 2.54
CA ASP B 150 -3.51 34.60 1.27
C ASP B 150 -3.90 33.24 0.70
N SER B 151 -5.02 33.19 -0.01
CA SER B 151 -5.37 32.02 -0.80
C SER B 151 -4.29 31.74 -1.81
N GLN B 152 -4.12 30.47 -2.20
CA GLN B 152 -3.12 30.20 -3.21
C GLN B 152 -3.41 30.97 -4.49
N LYS B 153 -4.69 31.03 -4.89
CA LYS B 153 -4.99 31.82 -6.11
C LYS B 153 -4.49 33.28 -5.97
N ASP B 154 -4.73 33.89 -4.81
CA ASP B 154 -4.31 35.29 -4.58
C ASP B 154 -2.80 35.41 -4.48
N VAL B 155 -2.14 34.38 -3.97
CA VAL B 155 -0.66 34.40 -4.05
C VAL B 155 -0.17 34.42 -5.52
N TYR B 156 -0.67 33.52 -6.37
CA TYR B 156 -0.26 33.45 -7.77
C TYR B 156 -0.59 34.76 -8.49
N ARG B 158 -0.92 37.84 -7.30
CA ARG B 158 -0.03 38.88 -6.81
CA ARG B 158 -0.02 38.90 -6.82
C ARG B 158 1.39 38.65 -7.34
N PHE B 160 2.20 37.18 -10.15
CA PHE B 160 2.24 37.58 -11.57
C PHE B 160 2.36 39.11 -11.71
N GLN B 161 1.61 39.84 -10.89
CA GLN B 161 1.72 41.27 -10.87
C GLN B 161 3.14 41.74 -10.53
N GLU B 162 3.70 41.14 -9.49
CA GLU B 162 5.04 41.51 -9.05
C GLU B 162 6.11 41.16 -10.09
N LEU B 163 6.00 40.02 -10.75
CA LEU B 163 6.93 39.70 -11.84
C LEU B 163 6.86 40.74 -12.97
N GLU B 164 5.67 41.21 -13.32
CA GLU B 164 5.56 42.28 -14.34
C GLU B 164 6.18 43.57 -13.89
N GLU B 165 5.97 43.91 -12.61
CA GLU B 165 6.57 45.12 -12.08
C GLU B 165 8.12 45.00 -12.10
N ALA B 166 8.67 43.86 -11.68
CA ALA B 166 10.10 43.65 -11.71
C ALA B 166 10.63 43.71 -13.16
N ASP B 167 9.91 43.10 -14.09
CA ASP B 167 10.33 43.05 -15.48
C ASP B 167 10.39 44.43 -16.09
N GLN B 168 9.39 45.26 -15.83
CA GLN B 168 9.38 46.63 -16.33
CA GLN B 168 9.38 46.63 -16.33
C GLN B 168 10.60 47.39 -15.83
N ALA B 169 10.95 47.18 -14.56
CA ALA B 169 12.04 47.93 -13.96
C ALA B 169 13.39 47.46 -14.50
N LEU B 170 13.52 46.17 -14.77
CA LEU B 170 14.71 45.65 -15.43
C LEU B 170 14.83 46.18 -16.87
N GLU B 171 13.73 46.11 -17.61
CA GLU B 171 13.71 46.57 -18.99
C GLU B 171 14.00 48.07 -19.06
N ASP B 172 13.43 48.88 -18.18
CA ASP B 172 13.69 50.31 -18.22
C ASP B 172 15.09 50.75 -17.76
N ASN B 173 15.80 49.88 -17.03
CA ASN B 173 17.14 50.26 -16.52
C ASN B 173 18.31 49.47 -17.09
N THR B 175 21.25 48.03 -19.41
CA THR B 175 22.39 48.52 -20.21
C THR B 175 23.25 47.35 -20.72
N GLU B 176 24.07 47.66 -21.72
CA GLU B 176 25.13 46.74 -22.18
C GLU B 176 26.35 46.74 -21.26
N GLY B 177 26.43 47.74 -20.38
CA GLY B 177 27.57 47.90 -19.47
C GLY B 177 27.37 47.22 -18.14
N ASN B 178 28.06 47.72 -17.10
CA ASN B 178 27.90 47.20 -15.74
C ASN B 178 26.58 47.61 -15.22
N SER B 179 25.90 46.69 -14.57
CA SER B 179 24.66 46.98 -13.91
C SER B 179 24.88 47.41 -12.45
N GLY B 180 26.06 47.11 -11.90
CA GLY B 180 26.29 47.32 -10.47
C GLY B 180 26.01 46.09 -9.61
N PHE B 181 25.53 45.02 -10.24
CA PHE B 181 25.26 43.82 -9.52
C PHE B 181 26.23 42.70 -9.83
N GLU B 182 27.29 43.03 -10.58
CA GLU B 182 28.27 42.03 -10.99
C GLU B 182 28.88 41.31 -9.82
N LYS B 183 29.06 42.03 -8.70
CA LYS B 183 29.69 41.51 -7.50
C LYS B 183 28.69 41.19 -6.39
N LEU B 184 27.41 41.27 -6.71
CA LEU B 184 26.33 41.16 -5.73
C LEU B 184 25.40 40.01 -5.98
N ASP B 185 25.71 39.17 -6.95
CA ASP B 185 24.71 38.27 -7.55
C ASP B 185 25.47 37.03 -8.01
N ASP B 186 25.23 35.89 -7.36
CA ASP B 186 26.00 34.67 -7.73
C ASP B 186 25.19 33.71 -8.61
N VAL B 187 24.19 34.23 -9.27
CA VAL B 187 23.43 33.48 -10.25
C VAL B 187 23.84 33.96 -11.64
N TYR B 188 23.55 35.23 -11.93
CA TYR B 188 23.91 35.78 -13.25
C TYR B 188 25.00 36.85 -13.24
N TYR B 189 25.66 37.05 -12.10
CA TYR B 189 26.73 38.05 -12.00
C TYR B 189 26.35 39.39 -12.66
N GLY B 190 25.15 39.83 -12.37
CA GLY B 190 24.74 41.18 -12.71
C GLY B 190 24.21 41.36 -14.12
N LYS B 191 24.01 40.28 -14.87
CA LYS B 191 23.56 40.39 -16.25
C LYS B 191 22.03 40.46 -16.27
N LEU B 192 21.51 41.68 -16.35
CA LEU B 192 20.05 41.88 -16.26
C LEU B 192 19.29 41.27 -17.42
N GLN B 193 19.93 41.14 -18.58
CA GLN B 193 19.29 40.46 -19.73
C GLN B 193 18.98 39.03 -19.37
N GLN B 194 19.89 38.37 -18.66
CA GLN B 194 19.66 36.98 -18.23
C GLN B 194 18.63 36.91 -17.14
N TRP B 195 18.62 37.85 -16.18
CA TRP B 195 17.50 37.91 -15.21
C TRP B 195 16.14 38.02 -15.90
N ARG B 196 16.05 38.76 -17.04
CA ARG B 196 14.74 38.84 -17.74
C ARG B 196 14.32 37.50 -18.37
N LEU B 197 15.27 36.78 -18.91
CA LEU B 197 14.99 35.45 -19.44
C LEU B 197 14.48 34.54 -18.36
N PHE B 198 15.16 34.58 -17.22
CA PHE B 198 14.76 33.74 -16.12
C PHE B 198 13.36 34.14 -15.66
N LEU B 199 13.13 35.45 -15.50
CA LEU B 199 11.79 35.90 -15.07
C LEU B 199 10.69 35.41 -15.99
N HIS B 200 10.89 35.54 -17.29
CA HIS B 200 9.91 35.06 -18.27
C HIS B 200 9.73 33.54 -18.23
N SER B 201 10.81 32.83 -17.97
CA SER B 201 10.75 31.39 -17.80
C SER B 201 9.91 31.02 -16.55
N LEU B 202 10.09 31.76 -15.47
CA LEU B 202 9.30 31.53 -14.27
C LEU B 202 7.85 31.81 -14.53
N GLN B 203 7.55 32.91 -15.24
CA GLN B 203 6.16 33.19 -15.60
C GLN B 203 5.55 32.03 -16.39
N LEU B 204 6.33 31.44 -17.27
CA LEU B 204 5.91 30.31 -18.09
C LEU B 204 5.64 29.09 -17.24
N ARG B 205 6.55 28.78 -16.33
CA ARG B 205 6.32 27.71 -15.36
C ARG B 205 5.05 27.89 -14.58
N ALA B 207 2.43 29.85 -15.19
CA ALA B 207 1.27 29.76 -16.04
C ALA B 207 0.89 28.32 -16.31
N ARG B 209 1.31 25.83 -14.51
CA ARG B 209 0.87 25.22 -13.27
C ARG B 209 -0.63 25.35 -13.14
N LEU B 210 -1.21 26.42 -13.72
CA LEU B 210 -2.62 26.73 -13.52
C LEU B 210 -3.52 26.24 -14.66
N CYS B 211 -3.03 25.32 -15.47
CA CYS B 211 -3.78 24.95 -16.67
C CYS B 211 -5.07 24.09 -16.36
N TYR B 212 -5.22 23.56 -15.16
CA TYR B 212 -6.44 22.86 -14.81
C TYR B 212 -7.44 23.73 -14.00
N THR B 213 -7.17 25.03 -13.84
CA THR B 213 -8.01 25.89 -13.05
C THR B 213 -8.92 26.68 -13.95
N ASP B 214 -9.80 27.46 -13.35
CA ASP B 214 -10.68 28.34 -14.16
C ASP B 214 -9.95 29.66 -14.57
N ALA B 216 -7.31 29.24 -16.52
CA ALA B 216 -6.50 28.70 -17.64
C ALA B 216 -6.38 29.68 -18.82
N ALA B 217 -7.42 30.46 -19.10
CA ALA B 217 -7.33 31.42 -20.22
C ALA B 217 -6.27 32.51 -19.90
N GLU B 218 -6.32 33.01 -18.67
CA GLU B 218 -5.36 34.02 -18.19
C GLU B 218 -3.94 33.44 -18.28
N ALA B 219 -3.80 32.21 -17.79
CA ALA B 219 -2.51 31.55 -17.73
C ALA B 219 -1.94 31.41 -19.15
N GLN B 220 -2.78 30.96 -20.10
CA GLN B 220 -2.36 30.85 -21.47
C GLN B 220 -1.82 32.19 -22.01
N SER B 221 -2.52 33.29 -21.72
CA SER B 221 -2.09 34.59 -22.18
CA SER B 221 -2.08 34.60 -22.20
C SER B 221 -0.75 34.96 -21.56
N ILE B 222 -0.62 34.71 -20.25
CA ILE B 222 0.64 34.98 -19.55
C ILE B 222 1.79 34.20 -20.19
N ALA B 223 1.58 32.91 -20.41
CA ALA B 223 2.60 32.05 -21.02
C ALA B 223 3.00 32.53 -22.39
N GLU B 224 2.01 32.86 -23.21
CA GLU B 224 2.29 33.32 -24.59
C GLU B 224 3.12 34.63 -24.59
N LYS B 225 2.75 35.56 -23.73
CA LYS B 225 3.45 36.84 -23.62
C LYS B 225 4.88 36.65 -23.10
N ALA B 226 5.06 35.72 -22.16
CA ALA B 226 6.37 35.37 -21.61
C ALA B 226 7.33 34.78 -22.64
N VAL B 227 6.84 33.83 -23.43
CA VAL B 227 7.63 33.29 -24.53
C VAL B 227 7.96 34.38 -25.55
N THR B 228 7.01 35.23 -25.87
CA THR B 228 7.30 36.35 -26.78
C THR B 228 8.38 37.28 -26.20
N ALA B 229 8.38 37.50 -24.88
CA ALA B 229 9.34 38.40 -24.27
C ALA B 229 10.75 37.83 -24.20
N GLY B 230 10.87 36.50 -24.29
CA GLY B 230 12.13 35.82 -24.35
C GLY B 230 12.35 34.96 -23.10
N VAL B 231 12.49 33.66 -23.29
CA VAL B 231 12.75 32.72 -22.18
C VAL B 231 14.13 32.11 -22.40
N ILE B 232 14.59 31.33 -21.42
CA ILE B 232 15.86 30.63 -21.49
C ILE B 232 15.79 29.55 -22.59
N GLU B 233 16.66 29.69 -23.58
CA GLU B 233 16.69 28.79 -24.76
C GLU B 233 18.04 28.09 -24.96
N LYS B 234 19.08 28.60 -24.31
CA LYS B 234 20.40 28.05 -24.37
C LYS B 234 20.82 27.63 -23.00
N ASN B 235 21.62 26.56 -22.87
CA ASN B 235 22.14 26.17 -21.58
C ASN B 235 23.03 27.24 -20.91
N ASP B 236 23.69 28.06 -21.71
CA ASP B 236 24.51 29.12 -21.13
C ASP B 236 23.71 30.14 -20.37
N ASP B 237 22.40 30.23 -20.62
CA ASP B 237 21.50 31.11 -19.86
C ASP B 237 20.74 30.45 -18.70
N ASN B 238 21.04 29.20 -18.37
CA ASN B 238 20.47 28.54 -17.22
C ASN B 238 20.73 29.31 -15.93
N ALA B 239 19.75 29.31 -15.04
CA ALA B 239 19.84 29.98 -13.75
C ALA B 239 20.39 29.01 -12.73
N LEU B 240 21.66 29.22 -12.37
CA LEU B 240 22.33 28.41 -11.35
C LEU B 240 22.80 29.32 -10.22
N PHE B 241 22.68 28.88 -8.97
CA PHE B 241 23.27 29.61 -7.85
C PHE B 241 24.61 29.00 -7.57
N HIS B 242 25.65 29.76 -7.90
CA HIS B 242 27.00 29.28 -7.80
C HIS B 242 27.49 29.56 -6.38
N VAL B 243 28.21 28.61 -5.83
CA VAL B 243 28.62 28.71 -4.43
C VAL B 243 30.01 28.17 -4.29
N ALA B 244 30.77 28.75 -3.34
CA ALA B 244 32.11 28.31 -3.06
C ALA B 244 32.07 26.93 -2.39
N GLU B 245 31.03 26.69 -1.59
CA GLU B 245 30.84 25.42 -0.94
C GLU B 245 29.35 25.06 -0.99
N ASN B 246 29.07 23.96 -1.64
CA ASN B 246 27.72 23.40 -1.68
C ASN B 246 27.53 22.51 -0.46
N ARG B 247 26.78 23.03 0.53
CA ARG B 247 26.63 22.38 1.82
C ARG B 247 25.66 21.22 1.71
N SER B 248 24.80 21.23 0.68
CA SER B 248 23.88 20.11 0.43
C SER B 248 24.63 18.81 0.14
N ALA B 249 25.85 18.92 -0.35
CA ALA B 249 26.67 17.72 -0.56
C ALA B 249 26.88 16.94 0.76
N LEU B 250 26.87 17.61 1.90
CA LEU B 250 26.97 16.93 3.20
C LEU B 250 25.91 15.84 3.38
N CYS B 251 24.69 16.15 2.97
CA CYS B 251 23.54 15.27 3.21
C CYS B 251 23.75 13.92 2.53
N PHE B 252 24.40 13.94 1.37
CA PHE B 252 24.56 12.75 0.51
C PHE B 252 25.89 12.08 0.64
N ASN B 253 26.93 12.89 0.66
CA ASN B 253 28.30 12.38 0.60
C ASN B 253 28.90 12.11 1.97
N ASP B 254 28.54 12.90 2.98
CA ASP B 254 29.28 12.87 4.27
C ASP B 254 28.41 12.34 5.35
N TRP B 255 27.23 12.90 5.51
CA TRP B 255 26.23 12.30 6.40
C TRP B 255 25.70 10.98 5.88
N LYS B 256 25.60 10.87 4.56
CA LYS B 256 25.08 9.67 3.89
C LYS B 256 23.67 9.30 4.40
N ASP B 257 22.82 10.32 4.58
CA ASP B 257 21.44 10.15 5.04
C ASP B 257 20.43 9.82 3.89
N TYR B 258 20.84 9.95 2.63
CA TYR B 258 19.94 9.72 1.50
C TYR B 258 20.62 8.92 0.42
N ARG B 259 19.84 8.09 -0.23
CA ARG B 259 20.30 7.44 -1.47
C ARG B 259 19.21 7.56 -2.52
N VAL B 260 19.55 7.18 -3.73
CA VAL B 260 18.66 7.34 -4.87
C VAL B 260 17.47 6.37 -4.80
N GLY B 261 16.32 6.87 -5.19
CA GLY B 261 15.05 6.18 -5.10
C GLY B 261 14.84 5.23 -6.28
N ALA B 262 13.97 4.27 -6.06
CA ALA B 262 13.71 3.22 -7.01
C ALA B 262 13.13 3.77 -8.31
N ASP B 263 12.31 4.81 -8.22
CA ASP B 263 11.54 5.27 -9.39
C ASP B 263 12.44 5.78 -10.48
N ILE B 264 13.33 6.71 -10.15
CA ILE B 264 14.14 7.32 -11.19
C ILE B 264 15.10 6.27 -11.77
N ILE B 265 15.54 5.31 -10.96
CA ILE B 265 16.36 4.22 -11.50
C ILE B 265 15.58 3.27 -12.44
N CYS B 266 14.32 2.98 -12.13
CA CYS B 266 13.50 2.15 -12.98
C CYS B 266 13.37 2.74 -14.36
N TYR B 267 13.08 4.02 -14.41
CA TYR B 267 12.90 4.68 -15.71
C TYR B 267 14.21 4.75 -16.44
N ASN B 269 17.24 3.18 -15.98
CA ASN B 269 17.75 1.87 -16.39
C ASN B 269 16.91 1.26 -17.51
N GLY B 270 15.59 1.36 -17.45
CA GLY B 270 14.74 0.82 -18.55
C GLY B 270 15.05 1.48 -19.88
N TYR B 271 15.27 2.78 -19.85
CA TYR B 271 15.61 3.54 -21.05
C TYR B 271 17.10 3.47 -21.43
N ALA B 272 17.92 2.82 -20.61
CA ALA B 272 19.34 2.75 -20.81
C ALA B 272 19.93 4.16 -21.02
N ASP B 273 19.56 5.07 -20.12
CA ASP B 273 19.72 6.52 -20.33
C ASP B 273 21.20 6.86 -20.18
N PRO B 274 21.80 7.45 -21.20
CA PRO B 274 23.24 7.81 -21.06
C PRO B 274 23.57 8.85 -19.97
N ARG B 275 22.56 9.54 -19.44
CA ARG B 275 22.78 10.48 -18.36
C ARG B 275 23.07 9.83 -16.99
N ARG B 276 22.88 8.52 -16.88
CA ARG B 276 23.03 7.84 -15.60
C ARG B 276 24.40 8.07 -15.00
N ASP B 277 25.45 8.00 -15.80
CA ASP B 277 26.81 8.12 -15.22
C ASP B 277 27.16 9.56 -14.85
N LYS B 278 26.31 10.51 -15.23
CA LYS B 278 26.41 11.91 -14.79
CA LYS B 278 26.43 11.89 -14.77
C LYS B 278 25.54 12.18 -13.57
N TYR B 279 24.49 11.39 -13.39
CA TYR B 279 23.54 11.58 -12.26
C TYR B 279 23.93 10.84 -10.94
N PHE B 280 24.42 9.61 -11.09
CA PHE B 280 24.53 8.66 -10.02
C PHE B 280 25.90 8.02 -9.92
N THR B 281 26.21 7.52 -8.73
CA THR B 281 27.28 6.58 -8.53
C THR B 281 26.78 5.17 -8.79
N LYS B 282 27.73 4.28 -9.13
CA LYS B 282 27.52 2.85 -9.22
C LYS B 282 27.82 2.16 -7.90
N VAL B 283 27.07 1.10 -7.62
N VAL B 283 27.12 1.10 -7.53
CA VAL B 283 27.39 0.22 -6.47
CA VAL B 283 27.66 0.25 -6.46
C VAL B 283 27.35 -1.26 -6.93
C VAL B 283 28.36 -0.92 -7.13
N LYS B 284 27.94 -2.13 -6.11
N LYS B 284 29.40 -1.42 -6.47
CA LYS B 284 28.04 -3.55 -6.39
CA LYS B 284 30.18 -2.54 -6.93
C LYS B 284 27.11 -4.37 -5.45
C LYS B 284 30.46 -3.44 -5.73
N ASN B 285 26.23 -5.16 -6.06
N ASN B 285 30.21 -4.74 -5.88
CA ASN B 285 25.29 -6.02 -5.36
CA ASN B 285 30.60 -5.73 -4.87
C ASN B 285 25.32 -7.40 -5.98
C ASN B 285 30.22 -7.13 -5.35
N ASN B 286 25.53 -8.44 -5.15
N ASN B 286 30.56 -8.13 -4.55
CA ASN B 286 25.72 -9.79 -5.63
CA ASN B 286 30.50 -9.51 -5.01
C ASN B 286 27.06 -9.67 -6.34
C ASN B 286 29.16 -9.82 -5.65
N ASP B 287 27.14 -10.09 -7.59
N ASP B 287 28.14 -9.03 -5.30
CA ASP B 287 28.37 -9.89 -8.38
CA ASP B 287 26.77 -9.33 -5.74
C ASP B 287 28.22 -8.85 -9.53
C ASP B 287 26.09 -8.18 -6.50
N GLN B 288 27.30 -7.88 -9.41
N GLN B 288 26.79 -7.06 -6.67
CA GLN B 288 26.99 -6.97 -10.53
CA GLN B 288 26.22 -5.90 -7.37
C GLN B 288 27.14 -5.49 -10.14
C GLN B 288 27.19 -5.19 -8.33
N GLU B 289 27.97 -4.75 -10.87
N GLU B 289 26.62 -4.69 -9.42
CA GLU B 289 28.16 -3.33 -10.64
CA GLU B 289 27.35 -3.84 -10.33
C GLU B 289 27.11 -2.62 -11.46
C GLU B 289 26.34 -3.06 -11.16
N GLY B 290 26.49 -1.57 -10.93
N GLY B 290 26.22 -1.76 -10.85
CA GLY B 290 25.45 -0.83 -11.68
CA GLY B 290 25.40 -0.87 -11.64
C GLY B 290 24.71 0.20 -10.83
C GLY B 290 24.67 0.16 -10.80
N TYR B 291 23.54 0.61 -11.31
CA TYR B 291 22.73 1.64 -10.68
C TYR B 291 21.58 0.95 -9.99
N TYR B 292 21.45 1.21 -8.70
CA TYR B 292 20.42 0.63 -7.88
C TYR B 292 19.72 1.71 -7.05
N GLY B 293 18.40 1.55 -6.92
CA GLY B 293 17.55 2.48 -6.18
C GLY B 293 16.82 1.82 -5.02
N ARG B 295 13.59 1.55 -2.46
CA ARG B 295 12.12 1.77 -2.44
C ARG B 295 11.78 2.90 -1.49
N ILE B 296 11.01 3.86 -1.95
CA ILE B 296 10.63 5.01 -1.11
C ILE B 296 9.34 4.67 -0.33
N GLY B 297 9.35 4.93 0.97
CA GLY B 297 8.23 4.66 1.85
C GLY B 297 8.20 3.28 2.50
N ILE B 298 9.27 2.97 3.23
CA ILE B 298 9.50 1.68 3.81
C ILE B 298 10.05 1.86 5.23
N ASN B 299 10.03 0.80 6.02
CA ASN B 299 10.76 0.70 7.28
C ASN B 299 11.68 -0.53 7.15
N SER B 300 12.88 -0.37 6.64
CA SER B 300 13.75 -1.50 6.36
C SER B 300 14.13 -2.23 7.62
N PRO B 301 14.23 -3.57 7.56
CA PRO B 301 14.74 -4.36 8.69
C PRO B 301 16.26 -4.46 8.67
N PHE B 302 16.91 -3.87 7.69
CA PHE B 302 18.36 -3.96 7.57
C PHE B 302 19.05 -2.78 8.29
N SER B 303 20.38 -2.80 8.27
CA SER B 303 21.18 -1.77 8.95
C SER B 303 21.27 -0.51 8.13
N ASP B 304 21.59 0.61 8.77
CA ASP B 304 21.94 1.83 8.01
C ASP B 304 23.09 1.61 7.02
N ASP B 305 24.12 0.87 7.41
CA ASP B 305 25.24 0.61 6.50
CA ASP B 305 25.23 0.67 6.49
C ASP B 305 24.75 -0.12 5.25
N ASP B 306 23.84 -1.08 5.42
CA ASP B 306 23.23 -1.79 4.28
C ASP B 306 22.55 -0.84 3.27
N ILE B 308 23.10 2.43 3.00
CA ILE B 308 24.08 3.35 2.47
C ILE B 308 24.89 2.69 1.36
N THR B 309 25.29 1.43 1.55
CA THR B 309 26.21 0.79 0.62
C THR B 309 25.53 0.00 -0.50
N SER B 310 24.24 -0.28 -0.42
CA SER B 310 23.59 -1.16 -1.41
C SER B 310 22.88 -0.42 -2.54
N TYR B 311 22.77 0.90 -2.39
CA TYR B 311 22.05 1.74 -3.33
C TYR B 311 22.91 2.88 -3.83
N SER B 312 22.66 3.28 -5.07
CA SER B 312 23.38 4.37 -5.70
C SER B 312 23.18 5.67 -4.93
N ASN B 313 24.21 6.51 -4.94
CA ASN B 313 24.17 7.90 -4.46
C ASN B 313 23.98 8.80 -5.65
N ARG B 314 23.54 10.04 -5.43
CA ARG B 314 23.71 11.01 -6.47
C ARG B 314 25.22 11.31 -6.58
N LEU B 315 25.63 11.76 -7.76
CA LEU B 315 26.99 12.09 -8.07
C LEU B 315 27.09 13.59 -7.94
N THR B 317 29.64 17.04 -6.05
CA THR B 317 30.79 17.51 -5.25
C THR B 317 30.41 18.77 -4.49
N ALA B 318 31.26 19.12 -3.53
CA ALA B 318 31.06 20.32 -2.72
C ALA B 318 31.28 21.64 -3.45
N SER B 319 31.61 21.62 -4.75
CA SER B 319 31.64 22.81 -5.61
C SER B 319 30.49 22.98 -6.56
N ASP B 320 29.56 22.03 -6.58
CA ASP B 320 28.48 22.07 -7.55
C ASP B 320 27.53 23.23 -7.26
N PRO B 321 26.98 23.82 -8.32
CA PRO B 321 25.97 24.87 -8.16
C PRO B 321 24.63 24.25 -7.82
N TYR B 322 23.71 25.08 -7.33
CA TYR B 322 22.31 24.68 -7.24
C TYR B 322 21.57 25.12 -8.51
N VAL B 323 20.85 24.19 -9.15
CA VAL B 323 20.25 24.45 -10.46
C VAL B 323 18.82 24.90 -10.26
N TRP B 324 18.52 26.15 -10.61
CA TRP B 324 17.16 26.67 -10.49
C TRP B 324 16.24 26.41 -11.70
N THR B 326 16.36 25.56 -16.09
CA THR B 326 17.18 25.28 -17.28
C THR B 326 16.42 25.42 -18.59
N ALA B 327 17.20 25.55 -19.65
CA ALA B 327 16.69 25.51 -21.03
C ALA B 327 15.86 24.24 -21.30
N SER B 328 16.29 23.08 -20.77
CA SER B 328 15.54 21.85 -20.96
CA SER B 328 15.53 21.83 -20.93
C SER B 328 14.14 21.97 -20.36
N GLU B 329 14.04 22.48 -19.14
CA GLU B 329 12.72 22.64 -18.49
C GLU B 329 11.82 23.57 -19.33
N VAL B 330 12.37 24.66 -19.81
CA VAL B 330 11.59 25.63 -20.57
C VAL B 330 11.09 24.96 -21.87
N ALA B 331 11.95 24.16 -22.53
CA ALA B 331 11.59 23.48 -23.74
C ALA B 331 10.43 22.53 -23.45
N PHE B 332 10.47 21.83 -22.32
CA PHE B 332 9.41 20.90 -21.97
C PHE B 332 8.11 21.64 -21.63
N LEU B 333 8.23 22.84 -21.05
CA LEU B 333 7.04 23.64 -20.79
C LEU B 333 6.45 24.09 -22.10
N ARG B 334 7.28 24.55 -23.02
CA ARG B 334 6.79 24.90 -24.34
C ARG B 334 6.20 23.69 -25.08
N ALA B 335 6.79 22.50 -24.94
CA ALA B 335 6.21 21.32 -25.57
C ALA B 335 4.78 21.07 -25.08
N GLU B 336 4.60 21.08 -23.78
CA GLU B 336 3.22 20.95 -23.22
C GLU B 336 2.26 22.04 -23.70
N GLY B 337 2.72 23.29 -23.63
CA GLY B 337 1.93 24.40 -24.08
C GLY B 337 1.48 24.21 -25.53
N ALA B 338 2.41 23.74 -26.36
CA ALA B 338 2.12 23.53 -27.77
C ALA B 338 1.12 22.38 -27.98
N LEU B 339 1.29 21.33 -27.21
CA LEU B 339 0.34 20.21 -27.20
C LEU B 339 -1.05 20.68 -26.81
N ARG B 340 -1.13 21.67 -25.92
CA ARG B 340 -2.41 22.22 -25.47
C ARG B 340 -2.94 23.29 -26.48
N LYS B 341 -2.22 23.51 -27.58
CA LYS B 341 -2.58 24.50 -28.62
C LYS B 341 -2.35 25.93 -28.14
N TRP B 342 -1.52 26.13 -27.13
CA TRP B 342 -1.13 27.45 -26.77
C TRP B 342 -0.05 27.87 -27.78
N ASN B 343 0.06 29.17 -28.05
CA ASN B 343 1.04 29.64 -29.03
C ASN B 343 2.44 29.78 -28.37
N GLY B 345 5.34 29.10 -30.07
CA GLY B 345 6.32 29.41 -31.10
C GLY B 345 6.95 28.19 -31.77
N GLY B 346 6.24 27.07 -31.82
CA GLY B 346 6.81 25.86 -32.45
C GLY B 346 5.94 24.65 -32.19
N GLU B 347 6.32 23.52 -32.77
CA GLU B 347 5.60 22.29 -32.60
C GLU B 347 5.94 21.55 -31.31
N ALA B 348 4.92 20.94 -30.69
CA ALA B 348 5.09 20.14 -29.49
C ALA B 348 6.22 19.11 -29.59
N LYS B 349 6.26 18.31 -30.66
CA LYS B 349 7.35 17.32 -30.81
C LYS B 349 8.76 17.95 -30.85
N ASP B 350 8.87 19.07 -31.55
CA ASP B 350 10.17 19.74 -31.67
C ASP B 350 10.65 20.26 -30.31
N PHE B 351 9.75 20.88 -29.56
CA PHE B 351 10.13 21.31 -28.18
C PHE B 351 10.51 20.15 -27.29
N TYR B 352 9.77 19.05 -27.41
CA TYR B 352 10.05 17.84 -26.65
C TYR B 352 11.44 17.34 -26.98
N GLU B 353 11.73 17.24 -28.27
CA GLU B 353 13.03 16.68 -28.69
C GLU B 353 14.16 17.61 -28.29
N THR B 354 13.91 18.91 -28.44
CA THR B 354 14.84 19.94 -28.02
C THR B 354 15.10 19.88 -26.49
N GLY B 355 14.09 19.63 -25.68
CA GLY B 355 14.27 19.52 -24.26
C GLY B 355 15.19 18.40 -23.90
N VAL B 356 14.98 17.25 -24.53
CA VAL B 356 15.83 16.09 -24.24
C VAL B 356 17.27 16.38 -24.69
N LYS B 357 17.43 16.93 -25.89
CA LYS B 357 18.77 17.32 -26.38
C LYS B 357 19.54 18.32 -25.48
N LEU B 358 18.84 19.35 -25.06
CA LEU B 358 19.37 20.33 -24.10
C LEU B 358 19.76 19.71 -22.77
N SER B 359 18.94 18.80 -22.23
CA SER B 359 19.32 18.12 -20.99
C SER B 359 20.57 17.24 -21.17
N PHE B 360 20.64 16.45 -22.23
CA PHE B 360 21.91 15.73 -22.50
C PHE B 360 23.10 16.68 -22.59
N GLU B 361 22.94 17.75 -23.36
CA GLU B 361 24.02 18.73 -23.52
C GLU B 361 24.44 19.32 -22.15
N GLU B 362 23.46 19.67 -21.31
CA GLU B 362 23.72 20.21 -19.95
C GLU B 362 24.65 19.31 -19.13
N HIS B 363 24.49 18.00 -19.29
CA HIS B 363 25.28 17.03 -18.54
C HIS B 363 26.49 16.46 -19.29
N GLY B 364 26.70 16.92 -20.50
CA GLY B 364 27.79 16.39 -21.32
C GLY B 364 27.55 14.99 -21.86
N ALA B 365 26.29 14.58 -21.92
CA ALA B 365 25.94 13.24 -22.36
C ALA B 365 25.70 13.19 -23.86
N SER B 366 26.14 12.11 -24.48
CA SER B 366 25.94 11.83 -25.90
C SER B 366 24.75 10.89 -26.13
N GLY B 367 24.28 10.85 -27.35
CA GLY B 367 23.32 9.85 -27.76
C GLY B 367 21.87 10.32 -27.77
N ALA B 368 21.63 11.64 -27.64
CA ALA B 368 20.23 12.10 -27.52
C ALA B 368 19.38 11.73 -28.72
N GLU B 369 19.92 11.87 -29.92
CA GLU B 369 19.10 11.60 -31.13
C GLU B 369 18.59 10.16 -31.17
N ASP B 370 19.45 9.18 -30.92
CA ASP B 370 18.98 7.79 -30.85
C ASP B 370 18.08 7.49 -29.65
N TYR B 371 18.38 8.08 -28.49
CA TYR B 371 17.52 7.93 -27.30
C TYR B 371 16.08 8.37 -27.61
N LEU B 372 15.98 9.43 -28.37
CA LEU B 372 14.70 9.97 -28.75
C LEU B 372 13.82 9.04 -29.60
N ASN B 373 14.39 7.98 -30.15
CA ASN B 373 13.62 6.98 -30.85
C ASN B 373 13.47 5.71 -30.07
N SER B 374 13.76 5.74 -28.75
CA SER B 374 13.69 4.55 -27.94
C SER B 374 12.24 4.14 -27.70
N ILE B 375 12.01 2.83 -27.74
CA ILE B 375 10.71 2.27 -27.40
C ILE B 375 10.81 1.31 -26.22
N ALA B 376 11.90 1.42 -25.49
CA ALA B 376 12.08 0.63 -24.26
C ALA B 376 11.16 1.13 -23.16
N SER B 377 10.71 0.20 -22.34
CA SER B 377 9.80 0.52 -21.25
C SER B 377 10.60 0.79 -19.94
N PRO B 378 10.08 1.63 -19.02
CA PRO B 378 10.67 1.67 -17.66
C PRO B 378 10.77 0.26 -17.09
N SER B 379 11.80 -0.02 -16.33
CA SER B 379 12.00 -1.37 -15.83
CA SER B 379 12.03 -1.35 -15.84
C SER B 379 11.14 -1.68 -14.61
N GLY B 380 10.90 -2.97 -14.40
CA GLY B 380 10.41 -3.44 -13.11
C GLY B 380 11.44 -3.13 -12.02
N TYR B 381 11.01 -3.07 -10.77
CA TYR B 381 11.94 -2.80 -9.67
C TYR B 381 12.42 -4.09 -9.01
N THR B 382 13.71 -4.37 -9.15
CA THR B 382 14.35 -5.41 -8.39
C THR B 382 15.21 -4.81 -7.26
N ASP B 383 14.80 -5.04 -6.03
CA ASP B 383 15.51 -4.60 -4.84
C ASP B 383 16.69 -5.51 -4.66
N PRO B 384 17.91 -4.96 -4.74
CA PRO B 384 19.05 -5.83 -4.56
C PRO B 384 19.07 -6.54 -3.18
N LEU B 385 18.42 -5.98 -2.17
CA LEU B 385 18.31 -6.65 -0.85
C LEU B 385 17.09 -7.54 -0.71
N GLY B 386 16.30 -7.62 -1.78
CA GLY B 386 15.25 -8.61 -1.87
C GLY B 386 13.97 -8.32 -1.09
N SER B 387 13.84 -7.13 -0.52
CA SER B 387 12.68 -6.83 0.36
C SER B 387 11.49 -6.15 -0.32
N TYR B 388 11.72 -5.23 -1.27
CA TYR B 388 10.63 -4.38 -1.77
C TYR B 388 10.47 -4.36 -3.29
N SER B 389 10.86 -5.46 -3.92
CA SER B 389 10.76 -5.58 -5.36
C SER B 389 9.32 -5.46 -5.79
N THR B 390 9.09 -4.90 -6.97
CA THR B 390 7.75 -4.73 -7.43
C THR B 390 7.75 -4.50 -8.94
N GLY B 391 6.56 -4.44 -9.52
CA GLY B 391 6.40 -4.21 -10.95
C GLY B 391 6.81 -2.80 -11.39
N SER B 392 6.85 -2.62 -12.69
CA SER B 392 7.24 -1.38 -13.29
C SER B 392 6.26 -0.26 -12.95
N PRO B 393 6.75 0.97 -12.81
CA PRO B 393 5.81 2.07 -12.48
C PRO B 393 4.98 2.57 -13.67
N ALA B 394 5.46 2.32 -14.89
CA ALA B 394 4.85 2.87 -16.11
C ALA B 394 5.32 2.11 -17.33
N ASN B 395 4.63 2.32 -18.44
CA ASN B 395 5.07 1.73 -19.69
C ASN B 395 5.42 2.80 -20.73
N ILE B 396 5.40 4.07 -20.35
CA ILE B 396 5.73 5.18 -21.25
C ILE B 396 7.12 5.10 -21.84
N THR B 397 7.19 5.28 -23.15
CA THR B 397 8.46 5.24 -23.86
C THR B 397 8.90 6.64 -24.21
N VAL B 398 10.13 6.75 -24.64
CA VAL B 398 10.66 8.06 -25.02
C VAL B 398 10.10 8.55 -26.37
N LYS B 399 10.00 7.65 -27.32
CA LYS B 399 9.72 8.05 -28.69
C LYS B 399 8.34 8.73 -28.82
N TRP B 400 8.33 9.88 -29.47
CA TRP B 400 7.13 10.69 -29.66
C TRP B 400 6.01 9.91 -30.38
N ASN B 401 4.80 10.08 -29.91
CA ASN B 401 3.63 9.43 -30.54
C ASN B 401 3.12 10.38 -31.56
N GLU B 402 3.22 10.02 -32.84
CA GLU B 402 2.94 10.95 -33.96
C GLU B 402 1.46 11.29 -34.12
N GLY B 404 0.13 12.93 -31.98
CA GLY B 404 0.17 14.26 -31.39
C GLY B 404 -0.95 14.44 -30.38
N GLU B 405 -1.79 15.48 -30.54
CA GLU B 405 -2.88 15.72 -29.56
C GLU B 405 -3.96 14.66 -29.57
N GLN B 406 -4.02 13.84 -30.62
CA GLN B 406 -4.86 12.65 -30.58
C GLN B 406 -4.34 11.53 -29.66
N ALA B 407 -3.13 11.69 -29.12
CA ALA B 407 -2.61 10.90 -28.02
C ALA B 407 -2.16 11.84 -26.92
N PHE B 408 -3.08 12.68 -26.48
CA PHE B 408 -2.73 13.77 -25.63
C PHE B 408 -2.12 13.30 -24.34
N GLU B 409 -2.82 12.42 -23.63
CA GLU B 409 -2.32 12.06 -22.30
C GLU B 409 -1.00 11.30 -22.38
N GLU B 410 -0.84 10.47 -23.41
CA GLU B 410 0.39 9.74 -23.53
C GLU B 410 1.57 10.70 -23.84
N ASN B 411 1.35 11.68 -24.72
CA ASN B 411 2.44 12.60 -25.09
C ASN B 411 2.74 13.54 -23.93
N LEU B 412 1.74 13.90 -23.17
CA LEU B 412 1.94 14.67 -21.93
C LEU B 412 2.76 13.85 -20.95
N GLU B 413 2.46 12.55 -20.87
CA GLU B 413 3.15 11.67 -19.96
C GLU B 413 4.65 11.65 -20.30
N ARG B 414 5.00 11.51 -21.57
CA ARG B 414 6.43 11.51 -21.92
C ARG B 414 7.07 12.88 -21.77
N ILE B 415 6.37 13.96 -22.09
CA ILE B 415 6.91 15.30 -21.88
C ILE B 415 7.28 15.46 -20.39
N ILE B 416 6.37 15.13 -19.50
CA ILE B 416 6.57 15.35 -18.07
C ILE B 416 7.61 14.36 -17.54
N THR B 417 7.54 13.12 -17.99
CA THR B 417 8.53 12.12 -17.59
C THR B 417 9.95 12.60 -17.96
N GLN B 418 10.13 13.06 -19.19
CA GLN B 418 11.45 13.57 -19.61
C GLN B 418 11.86 14.85 -18.85
N LYS B 419 10.91 15.74 -18.63
CA LYS B 419 11.17 16.90 -17.81
C LYS B 419 11.64 16.51 -16.41
N TRP B 420 10.98 15.49 -15.83
CA TRP B 420 11.31 14.96 -14.49
C TRP B 420 12.70 14.38 -14.39
N ILE B 421 13.11 13.63 -15.43
CA ILE B 421 14.49 13.18 -15.51
C ILE B 421 15.43 14.39 -15.59
N ALA B 422 15.11 15.32 -16.48
CA ALA B 422 15.95 16.50 -16.69
C ALA B 422 16.01 17.45 -15.46
N LEU B 423 14.99 17.39 -14.64
CA LEU B 423 14.89 18.26 -13.42
C LEU B 423 15.70 17.76 -12.25
N PHE B 424 16.14 16.49 -12.27
CA PHE B 424 16.81 15.90 -11.12
C PHE B 424 17.96 16.81 -10.70
N PRO B 425 18.12 17.11 -9.41
CA PRO B 425 17.44 16.72 -8.20
C PRO B 425 16.44 17.78 -7.65
N ASN B 426 15.76 18.53 -8.52
CA ASN B 426 14.75 19.54 -8.10
C ASN B 426 13.39 18.86 -7.75
N GLY B 427 13.31 18.26 -6.57
CA GLY B 427 12.18 17.44 -6.18
C GLY B 427 10.93 18.24 -5.93
N ILE B 428 11.05 19.48 -5.44
CA ILE B 428 9.83 20.24 -5.16
C ILE B 428 9.14 20.54 -6.49
N GLU B 429 9.88 20.99 -7.48
CA GLU B 429 9.23 21.21 -8.79
C GLU B 429 8.66 19.94 -9.42
N SER B 430 9.39 18.83 -9.33
CA SER B 430 8.90 17.57 -9.89
C SER B 430 7.69 17.05 -9.14
N TRP B 431 7.66 17.29 -7.82
CA TRP B 431 6.52 16.89 -7.02
C TRP B 431 5.28 17.68 -7.43
N SER B 432 5.44 18.99 -7.64
CA SER B 432 4.34 19.81 -8.08
C SER B 432 3.85 19.35 -9.43
N GLU B 433 4.76 19.04 -10.35
CA GLU B 433 4.35 18.62 -11.69
C GLU B 433 3.69 17.23 -11.69
N HIS B 434 4.13 16.37 -10.76
CA HIS B 434 3.52 15.09 -10.55
C HIS B 434 2.10 15.25 -9.99
N ARG B 435 1.94 16.13 -9.01
CA ARG B 435 0.61 16.39 -8.49
C ARG B 435 -0.33 16.96 -9.59
N ARG B 436 0.18 17.86 -10.36
CA ARG B 436 -0.62 18.55 -11.38
C ARG B 436 -1.09 17.63 -12.49
N THR B 437 -0.15 16.86 -13.01
CA THR B 437 -0.41 16.10 -14.22
C THR B 437 -0.65 14.63 -14.00
N GLY B 438 -0.22 14.08 -12.88
CA GLY B 438 -0.24 12.63 -12.65
C GLY B 438 1.03 11.92 -13.08
N TYR B 439 1.95 12.65 -13.69
CA TYR B 439 3.15 12.07 -14.25
C TYR B 439 4.44 12.64 -13.68
N PRO B 440 5.53 11.88 -13.77
CA PRO B 440 5.52 10.48 -14.13
C PRO B 440 4.75 9.67 -13.07
N LYS B 441 4.27 8.51 -13.46
CA LYS B 441 3.73 7.55 -12.49
C LYS B 441 4.86 6.99 -11.64
N LEU B 442 4.64 6.96 -10.34
CA LEU B 442 5.63 6.59 -9.37
C LEU B 442 5.16 5.33 -8.61
N LEU B 443 6.10 4.64 -7.97
CA LEU B 443 5.78 3.48 -7.19
C LEU B 443 5.09 3.88 -5.89
N PRO B 444 4.03 3.16 -5.50
CA PRO B 444 3.38 3.51 -4.25
C PRO B 444 4.27 3.21 -3.04
N VAL B 445 4.09 3.95 -1.96
CA VAL B 445 4.79 3.65 -0.73
C VAL B 445 4.33 2.28 -0.23
N VAL B 446 5.16 1.63 0.57
CA VAL B 446 4.80 0.40 1.24
C VAL B 446 4.11 0.62 2.58
N VAL B 447 4.72 1.45 3.38
CA VAL B 447 4.22 1.83 4.67
C VAL B 447 3.56 3.24 4.57
N ASN B 448 2.24 3.23 4.56
CA ASN B 448 1.48 4.47 4.54
C ASN B 448 1.01 4.76 5.90
N LYS B 449 1.75 5.62 6.57
CA LYS B 449 1.38 6.01 7.96
C LYS B 449 0.72 7.37 7.99
N GLY B 450 0.28 7.84 6.84
CA GLY B 450 -0.31 9.17 6.74
C GLY B 450 -1.68 9.28 7.38
N ARG B 451 -2.07 10.52 7.70
CA ARG B 451 -3.38 10.82 8.20
C ARG B 451 -4.17 11.46 7.07
N ASN B 452 -5.21 10.76 6.62
CA ASN B 452 -5.99 11.11 5.40
C ASN B 452 -5.18 11.26 4.12
N VAL B 453 -4.08 10.51 3.98
CA VAL B 453 -3.31 10.42 2.78
C VAL B 453 -3.51 9.04 2.15
N SER B 454 -3.87 9.01 0.87
CA SER B 454 -4.08 7.74 0.18
C SER B 454 -2.78 7.22 -0.46
N THR B 455 -2.60 5.91 -0.43
CA THR B 455 -1.47 5.30 -1.09
C THR B 455 -1.55 5.50 -2.60
N GLU B 456 -2.75 5.44 -3.15
CA GLU B 456 -2.94 5.54 -4.62
C GLU B 456 -2.66 6.96 -5.16
N ALA B 457 -2.92 8.01 -4.37
CA ALA B 457 -2.70 9.41 -4.82
C ALA B 457 -1.45 10.06 -4.27
N GLY B 458 -0.92 9.54 -3.17
CA GLY B 458 0.26 10.12 -2.56
C GLY B 458 0.07 11.43 -1.83
N ARG B 460 -0.32 15.19 -1.33
CA ARG B 460 -0.87 16.28 -2.15
C ARG B 460 -0.37 17.66 -1.70
N ARG B 461 0.10 17.74 -0.46
CA ARG B 461 0.67 18.96 0.13
C ARG B 461 1.28 18.58 1.46
N LEU B 462 1.95 19.53 2.08
CA LEU B 462 2.45 19.42 3.45
C LEU B 462 1.53 20.14 4.39
N TYR B 464 0.64 22.36 7.82
CA TYR B 464 1.19 23.55 8.44
C TYR B 464 1.88 23.18 9.72
N PRO B 465 2.92 23.91 10.10
CA PRO B 465 3.69 23.51 11.30
C PRO B 465 2.94 23.81 12.60
N ASN B 466 3.33 23.11 13.67
CA ASN B 466 2.62 23.22 14.94
C ASN B 466 2.72 24.62 15.54
N GLU B 467 3.80 25.33 15.23
CA GLU B 467 3.97 26.73 15.60
C GLU B 467 2.79 27.61 15.15
N GLU B 468 2.31 27.38 13.93
CA GLU B 468 1.16 28.14 13.46
C GLU B 468 -0.04 27.88 14.31
N TYR B 469 -0.21 26.63 14.72
CA TYR B 469 -1.35 26.29 15.55
C TYR B 469 -1.24 26.98 16.90
N THR B 470 -0.04 27.05 17.46
CA THR B 470 0.09 27.52 18.85
C THR B 470 0.19 29.05 18.94
N GLN B 471 0.86 29.66 17.96
CA GLN B 471 1.20 31.07 17.99
C GLN B 471 0.42 31.92 17.04
N ASN B 472 -0.21 31.33 16.02
CA ASN B 472 -0.89 32.11 14.99
C ASN B 472 -2.27 31.55 14.66
N SER B 473 -3.00 31.17 15.70
CA SER B 473 -4.19 30.30 15.56
C SER B 473 -5.36 30.96 14.86
N PHE B 474 -5.62 32.24 15.13
CA PHE B 474 -6.69 32.91 14.42
C PHE B 474 -6.46 32.89 12.88
N HIS B 475 -5.30 33.37 12.46
CA HIS B 475 -4.94 33.39 11.07
C HIS B 475 -4.85 31.97 10.48
N LEU B 476 -4.26 31.04 11.21
CA LEU B 476 -4.16 29.67 10.74
C LEU B 476 -5.58 29.07 10.52
N ASN B 477 -6.48 29.28 11.47
CA ASN B 477 -7.84 28.78 11.33
C ASN B 477 -8.55 29.29 10.07
N ASN B 478 -8.42 30.58 9.79
CA ASN B 478 -8.91 31.15 8.53
C ASN B 478 -8.22 30.51 7.32
N ALA B 479 -6.90 30.31 7.40
CA ALA B 479 -6.16 29.69 6.31
C ALA B 479 -6.70 28.30 5.96
N ILE B 480 -7.02 27.52 6.97
CA ILE B 480 -7.46 26.16 6.73
C ILE B 480 -8.84 26.22 6.07
N ASN B 481 -9.67 27.18 6.49
CA ASN B 481 -10.97 27.39 5.85
C ASN B 481 -10.85 27.74 4.40
N VAL B 482 -9.83 28.58 4.07
CA VAL B 482 -9.55 28.97 2.72
C VAL B 482 -9.04 27.75 1.94
N LEU B 483 -8.15 26.98 2.53
CA LEU B 483 -7.63 25.75 1.91
C LEU B 483 -8.80 24.81 1.51
N ILE B 484 -9.71 24.61 2.44
CA ILE B 484 -10.89 23.76 2.19
C ILE B 484 -11.75 24.30 1.05
N LYS B 485 -12.07 25.59 1.08
CA LYS B 485 -12.91 26.19 0.06
C LYS B 485 -12.30 26.18 -1.33
N GLU B 486 -10.97 26.40 -1.41
CA GLU B 486 -10.23 26.39 -2.67
C GLU B 486 -10.02 25.00 -3.27
N SER B 487 -10.16 23.94 -2.48
CA SER B 487 -9.76 22.59 -2.88
C SER B 487 -10.79 21.88 -3.74
N SER B 488 -10.31 21.21 -4.76
CA SER B 488 -11.19 20.34 -5.54
C SER B 488 -11.41 19.03 -4.79
N ASN B 489 -10.64 18.78 -3.74
CA ASN B 489 -10.68 17.51 -3.00
C ASN B 489 -10.12 17.69 -1.60
N ASN B 490 -11.01 18.07 -0.71
CA ASN B 490 -10.70 18.22 0.70
C ASN B 490 -10.69 16.88 1.40
N GLN B 491 -9.62 16.60 2.13
CA GLN B 491 -9.49 15.36 2.87
C GLN B 491 -9.12 15.65 4.32
N GLY B 492 -10.10 16.20 5.01
CA GLY B 492 -9.99 16.52 6.41
C GLY B 492 -9.27 17.82 6.72
N GLY B 493 -9.16 18.71 5.75
CA GLY B 493 -8.62 20.02 6.06
C GLY B 493 -7.12 20.05 5.93
N ASP B 494 -6.43 20.43 7.01
CA ASP B 494 -4.96 20.59 6.97
C ASP B 494 -4.31 19.22 7.10
N THR B 495 -4.38 18.46 6.02
CA THR B 495 -3.74 17.18 5.91
C THR B 495 -2.96 17.07 4.62
N GLY B 496 -2.15 16.03 4.54
CA GLY B 496 -1.41 15.74 3.32
C GLY B 496 -2.29 15.25 2.16
N GLY B 497 -3.58 14.93 2.41
CA GLY B 497 -4.45 14.47 1.36
C GLY B 497 -5.22 15.57 0.63
N THR B 498 -5.34 16.72 1.28
CA THR B 498 -6.14 17.80 0.74
C THR B 498 -5.43 18.45 -0.42
N HIS B 499 -6.14 18.66 -1.56
CA HIS B 499 -5.48 19.23 -2.75
C HIS B 499 -5.33 20.73 -2.61
N VAL B 500 -4.20 21.26 -3.04
CA VAL B 500 -4.04 22.71 -3.19
C VAL B 500 -4.86 23.17 -4.40
N TRP B 501 -5.10 24.49 -4.47
CA TRP B 501 -6.05 25.02 -5.45
C TRP B 501 -5.76 24.62 -6.90
N TRP B 502 -4.50 24.66 -7.36
CA TRP B 502 -4.26 24.33 -8.77
C TRP B 502 -4.34 22.83 -9.09
N ASP B 503 -4.38 21.96 -8.08
CA ASP B 503 -4.39 20.49 -8.26
C ASP B 503 -5.82 19.99 -8.49
N ARG B 504 -6.26 20.14 -9.73
CA ARG B 504 -7.65 19.93 -10.08
C ARG B 504 -7.83 18.91 -11.21
N LYS B 505 -6.75 18.36 -11.77
CA LYS B 505 -6.91 17.39 -12.85
C LYS B 505 -7.78 16.20 -12.35
N ALA B 506 -8.79 15.80 -13.11
CA ALA B 506 -9.71 14.72 -12.66
C ALA B 506 -9.17 13.31 -12.89
#